data_7X93
#
_entry.id   7X93
#
_cell.length_a   1.00
_cell.length_b   1.00
_cell.length_c   1.00
_cell.angle_alpha   90.00
_cell.angle_beta   90.00
_cell.angle_gamma   90.00
#
_symmetry.space_group_name_H-M   'P 1'
#
loop_
_entity.id
_entity.type
_entity.pdbx_description
1 polymer 'Spike glycoprotein'
2 polymer 'Ab765 heavy chain'
3 polymer 'Ab765 light chain'
4 branched 2-acetamido-2-deoxy-beta-D-glucopyranose-(1-4)-2-acetamido-2-deoxy-beta-D-glucopyranose
5 branched alpha-D-mannopyranose-(1-3)-[alpha-D-mannopyranose-(1-6)]beta-D-mannopyranose-(1-4)-2-acetamido-2-deoxy-beta-D-glucopyranose-(1-4)-2-acetamido-2-deoxy-beta-D-glucopyranose
6 non-polymer 2-acetamido-2-deoxy-beta-D-glucopyranose
#
loop_
_entity_poly.entity_id
_entity_poly.type
_entity_poly.pdbx_seq_one_letter_code
_entity_poly.pdbx_strand_id
1 'polypeptide(L)'
;MFVFLVLLPLVSSQCVNLTTRTQLPPAYTNSFTRGVYYPDKVFRSSVLHSTQDLFLPFFSNVTWFHAIHVSGTNGTKRFD
NPVLPFNDGVYFASTEKSNIIRGWIFGTTLDSKTQSLLIVNNATNVVIKVCEFQFCNDPFLGVYYHKNNKSWMESEFRVY
SSANNCTFEYVSQPFLMDLEGKQGNFKNLREFVFKNIDGYFKIYSKHTPINLVRDLPQGFSALEPLVDLPIGINITRFQT
LLALHRSYLTPGDSSSGWTAGAAAYYVGYLQPRTFLLKYNENGTITDAVDCALDPLSETKCTLKSFTVEKGIYQTSNFRV
QPTESIVRFPNITNLCPFGEVFNATRFASVYAWNRKRISNCVADYSVLYNSASFSTFKCYGVSPTKLNDLCFTNVYADSF
VIRGDEVRQIAPGQTGKIADYNYKLPDDFTGCVIAWNSNNLDSKVGGNYNYLYRLFRKSNLKPFERDISTEIYQAGSTPC
NGVEGFNCYFPLQSYGFQPTNGVGYQPYRVVVLSFELLHAPATVCGPKKSTNLVKNKCVNFNFNGLTGTGVLTESNKKFL
PFQQFGRDIADTTDAVRDPQTLEILDITPCSFGGVSVITPGTNTSNQVAVLYQDVNCTEVPVAIHADQLTPTWRVYSTGS
NVFQTRAGCLIGAEHVNNSYECDIPIGAGICASYQTQTNSPGSASSVASQSIIAYTMSLGAENSVAYSNNSIAIPTNFTI
SVTTEILPVSMTKTSVDCTMYICGDSTECSNLLLQYGSFCTQLNRALTGIAVEQDKNTQEVFAQVKQIYKTPPIKDFGGF
NFSQILPDPSKPSKRSPIEDLLFNKVTLADAGFIKQYGDCLGDIAARDLICAQKFNGLTVLPPLLTDEMIAQYTSALLAG
TITSGWTFGAGPALQIPFPMQMAYRFNGIGVTQNVLYENQKLIANQFNSAIGKIQDSLSSTPSALGKLQDVVNQNAQALN
TLVKQLSSNFGAISSVLNDILSRLDPPEAEVQIDRLITGRLQSLQTYVTQQLIRAAEIRASANLAATKMSECVLGQSKRV
DFCGKGYHLMSFPQSAPHGVVFLHVTYVPAQEKNFTTAPAICHDGKAHFPREGVFVSNGTHWFVTQRNFYEPQIITTDNT
FVSGNCDVVIGIVNNTVYDPLQPELDSFKEELDKYFKNHTSPDVDLGDISGINASVVNIQKEIDRLNEVAKNLNESLIDL
QELGKYEQAAAGSGYIPEAPRDGQAYVRKDGEWVLLSTFLGSSGRENLYFQGGGGSGLNDIFEAQKIEWHEGHHHHHH
;
A,D,G
2 'polypeptide(L)'
;MDPKGSLSWRILLFLSLAFELSYGQVQLVESGGGVVQPGRSLRLSCAASGFTFSDYAIHWVRQAPGRGLEPVALISYDGN
NKYYADSVKGRFTISRDNSKNVLYLQMNSLRADDTAVYYCARDAEGGWVAALDYWGQGTLVTVSSASTKGPSVFPLAPSS
KSTSGGTAALGCLVKDYFPEPVTVSWNSGALTSGVHTFPAVLQSSGLYSLSSVVTVPSSSLGTQTYICNVNHKPSNTKVD
KKVEPKSCENLYFQGHHHHHH
;
E
3 'polypeptide(L)'
;MDPKGSLSWRILLFLSLAFELSYGQSALTQPRSVSGSPGQSVTISCTGTSSDVGGYNYVSWYQHHPGKAPKVMIYEVSKR
PSGVPDRFSGSKSGTTASLTISGLQAEDEADYYCCSYAGTYPYVFGTGTKVTVLGQPKANPTVTLFPPSSEELQANKATL
VCLISDFYPGAVTVAWKADSSPVKAGVETTTPSKQSNNKYAASSYLSLTPEQWKSHRSYSCQVTHEGSTVEKTVAPTECS
;
F
#
# COMPACT_ATOMS: atom_id res chain seq x y z
N ASN A 331 1.69 -48.32 12.52
CA ASN A 331 1.12 -47.66 13.67
C ASN A 331 1.76 -46.28 13.87
N ILE A 332 1.40 -45.60 14.95
CA ILE A 332 1.88 -44.26 15.24
C ILE A 332 2.67 -44.31 16.54
N THR A 333 3.83 -43.65 16.54
CA THR A 333 4.72 -43.63 17.70
C THR A 333 5.20 -42.19 17.92
N ASN A 334 6.06 -42.04 18.92
CA ASN A 334 6.64 -40.74 19.27
C ASN A 334 5.61 -39.88 19.99
N LEU A 335 4.55 -39.46 19.29
CA LEU A 335 3.44 -38.74 19.93
C LEU A 335 3.96 -37.51 20.68
N CYS A 336 4.39 -36.53 19.89
CA CYS A 336 5.14 -35.36 20.35
C CYS A 336 4.66 -34.88 21.72
N PRO A 337 5.58 -34.53 22.62
CA PRO A 337 5.17 -34.13 23.98
C PRO A 337 4.62 -32.71 24.02
N PHE A 338 3.44 -32.52 23.45
CA PHE A 338 2.70 -31.29 23.66
C PHE A 338 2.10 -31.23 25.06
N GLY A 339 1.90 -32.38 25.70
CA GLY A 339 1.35 -32.39 27.04
C GLY A 339 2.24 -31.69 28.05
N GLU A 340 3.55 -31.94 27.97
CA GLU A 340 4.45 -31.32 28.94
C GLU A 340 4.46 -29.80 28.81
N VAL A 341 4.40 -29.29 27.57
CA VAL A 341 4.47 -27.85 27.37
C VAL A 341 3.13 -27.19 27.65
N PHE A 342 2.01 -27.89 27.45
CA PHE A 342 0.70 -27.29 27.69
C PHE A 342 0.26 -27.42 29.14
N ASN A 343 0.23 -28.64 29.66
CA ASN A 343 -0.14 -28.83 31.06
C ASN A 343 0.78 -28.04 31.98
N ALA A 344 2.07 -28.38 31.97
CA ALA A 344 3.09 -27.80 32.85
C ALA A 344 2.69 -27.35 34.24
N THR A 345 3.61 -26.77 35.00
CA THR A 345 3.33 -26.37 36.37
C THR A 345 3.87 -25.00 36.77
N ARG A 346 4.94 -24.50 36.15
CA ARG A 346 5.56 -23.23 36.53
C ARG A 346 5.85 -22.39 35.30
N PHE A 347 4.84 -22.20 34.45
CA PHE A 347 5.00 -21.43 33.23
C PHE A 347 5.80 -20.16 33.51
N ALA A 348 6.79 -19.89 32.64
CA ALA A 348 7.71 -18.79 32.87
C ALA A 348 7.04 -17.43 32.68
N SER A 349 7.64 -16.42 33.30
CA SER A 349 7.15 -15.05 33.16
C SER A 349 7.29 -14.59 31.72
N VAL A 350 6.70 -13.42 31.43
CA VAL A 350 6.63 -12.94 30.06
C VAL A 350 8.02 -12.53 29.56
N TYR A 351 8.77 -11.79 30.37
CA TYR A 351 10.03 -11.24 29.88
C TYR A 351 11.03 -12.34 29.60
N ALA A 352 11.16 -13.32 30.49
CA ALA A 352 12.01 -14.48 30.26
C ALA A 352 11.20 -15.64 29.67
N TRP A 353 10.47 -15.36 28.60
CA TRP A 353 9.59 -16.38 28.02
C TRP A 353 10.41 -17.58 27.55
N ASN A 354 9.94 -18.77 27.91
CA ASN A 354 10.61 -20.00 27.55
C ASN A 354 10.50 -20.25 26.04
N ARG A 355 11.19 -21.29 25.59
CA ARG A 355 11.16 -21.65 24.17
C ARG A 355 11.47 -23.13 24.05
N LYS A 356 10.46 -23.94 23.74
CA LYS A 356 10.65 -25.36 23.53
C LYS A 356 10.70 -25.66 22.05
N ARG A 357 11.57 -26.60 21.69
CA ARG A 357 11.79 -26.99 20.30
C ARG A 357 11.26 -28.40 20.07
N ILE A 358 10.47 -28.57 19.02
CA ILE A 358 9.89 -29.86 18.66
C ILE A 358 10.31 -30.18 17.23
N SER A 359 10.82 -31.40 17.04
CA SER A 359 11.26 -31.84 15.73
C SER A 359 11.43 -33.35 15.75
N ASN A 360 11.48 -33.93 14.55
CA ASN A 360 11.68 -35.37 14.38
C ASN A 360 10.64 -36.15 15.19
N CYS A 361 9.39 -35.96 14.80
CA CYS A 361 8.27 -36.46 15.59
C CYS A 361 7.00 -36.40 14.74
N VAL A 362 5.89 -36.84 15.34
CA VAL A 362 4.59 -36.89 14.70
C VAL A 362 3.61 -36.18 15.61
N ALA A 363 3.40 -34.88 15.39
CA ALA A 363 2.50 -34.10 16.22
C ALA A 363 1.04 -34.43 15.91
N ASP A 364 0.18 -34.13 16.89
CA ASP A 364 -1.27 -34.36 16.78
C ASP A 364 -1.97 -33.10 17.25
N TYR A 365 -2.37 -32.24 16.30
CA TYR A 365 -3.05 -31.01 16.63
C TYR A 365 -4.55 -31.18 16.79
N SER A 366 -5.09 -32.35 16.45
CA SER A 366 -6.53 -32.55 16.57
C SER A 366 -6.98 -32.44 18.02
N VAL A 367 -6.20 -33.01 18.95
CA VAL A 367 -6.57 -32.94 20.36
C VAL A 367 -6.59 -31.49 20.83
N LEU A 368 -5.58 -30.70 20.44
CA LEU A 368 -5.56 -29.30 20.82
C LEU A 368 -6.75 -28.55 20.23
N TYR A 369 -7.06 -28.81 18.97
CA TYR A 369 -8.13 -28.07 18.30
C TYR A 369 -9.48 -28.40 18.91
N ASN A 370 -9.73 -29.69 19.22
CA ASN A 370 -11.03 -30.09 19.72
C ASN A 370 -11.28 -29.61 21.15
N SER A 371 -10.23 -29.53 21.97
CA SER A 371 -10.41 -29.13 23.35
C SER A 371 -11.07 -27.77 23.43
N ALA A 372 -12.09 -27.66 24.29
CA ALA A 372 -12.85 -26.42 24.43
C ALA A 372 -12.32 -25.53 25.54
N SER A 373 -11.33 -25.97 26.31
CA SER A 373 -10.80 -25.14 27.38
C SER A 373 -10.08 -23.91 26.83
N PHE A 374 -9.50 -24.02 25.64
CA PHE A 374 -8.74 -22.91 25.07
C PHE A 374 -9.68 -21.77 24.71
N SER A 375 -9.52 -20.64 25.39
CA SER A 375 -10.37 -19.48 25.10
C SER A 375 -10.16 -18.98 23.68
N THR A 376 -8.91 -18.92 23.24
CA THR A 376 -8.58 -18.41 21.91
C THR A 376 -7.70 -19.42 21.19
N PHE A 377 -7.96 -19.58 19.89
CA PHE A 377 -7.18 -20.50 19.06
C PHE A 377 -6.89 -19.92 17.69
N LYS A 378 -7.16 -18.65 17.46
CA LYS A 378 -7.03 -18.08 16.13
C LYS A 378 -5.60 -18.24 15.62
N CYS A 379 -5.48 -18.67 14.36
CA CYS A 379 -4.20 -18.97 13.74
C CYS A 379 -3.89 -17.97 12.64
N TYR A 380 -2.66 -18.05 12.13
CA TYR A 380 -2.22 -17.22 11.03
C TYR A 380 -1.65 -18.11 9.93
N GLY A 381 -2.10 -17.90 8.70
CA GLY A 381 -1.62 -18.69 7.59
C GLY A 381 -2.35 -20.02 7.47
N VAL A 382 -1.69 -21.09 7.92
CA VAL A 382 -2.29 -22.42 7.81
C VAL A 382 -3.60 -22.43 8.60
N SER A 383 -4.64 -22.99 7.98
CA SER A 383 -5.91 -23.11 8.67
C SER A 383 -5.81 -24.14 9.80
N PRO A 384 -6.49 -23.92 10.93
CA PRO A 384 -6.36 -24.87 12.04
C PRO A 384 -6.72 -26.30 11.66
N THR A 385 -7.75 -26.49 10.84
CA THR A 385 -8.18 -27.84 10.50
C THR A 385 -7.15 -28.57 9.66
N LYS A 386 -6.49 -27.86 8.74
CA LYS A 386 -5.55 -28.47 7.81
C LYS A 386 -4.14 -28.56 8.38
N LEU A 387 -3.98 -28.49 9.70
CA LEU A 387 -2.66 -28.60 10.29
C LEU A 387 -2.12 -30.03 10.19
N ASN A 388 -3.00 -31.02 10.34
CA ASN A 388 -2.55 -32.41 10.37
C ASN A 388 -1.85 -32.79 9.07
N ASP A 389 -2.46 -32.46 7.92
CA ASP A 389 -1.91 -32.82 6.63
C ASP A 389 -0.89 -31.79 6.16
N LEU A 390 0.15 -31.63 6.99
CA LEU A 390 1.23 -30.68 6.71
C LEU A 390 2.47 -31.15 7.47
N CYS A 391 3.61 -30.59 7.07
CA CYS A 391 4.88 -30.92 7.71
C CYS A 391 5.73 -29.67 7.79
N PHE A 392 6.66 -29.67 8.74
CA PHE A 392 7.55 -28.53 8.96
C PHE A 392 8.89 -29.03 9.46
N THR A 393 9.90 -28.18 9.33
CA THR A 393 11.23 -28.55 9.80
C THR A 393 11.31 -28.50 11.32
N ASN A 394 10.74 -27.47 11.94
CA ASN A 394 10.78 -27.33 13.38
C ASN A 394 9.52 -26.64 13.87
N VAL A 395 9.19 -26.86 15.14
CA VAL A 395 8.07 -26.19 15.78
C VAL A 395 8.57 -25.58 17.08
N TYR A 396 8.47 -24.26 17.21
CA TYR A 396 8.89 -23.55 18.39
C TYR A 396 7.67 -23.17 19.20
N ALA A 397 7.60 -23.65 20.44
CA ALA A 397 6.50 -23.35 21.36
C ALA A 397 7.02 -22.38 22.41
N ASP A 398 6.52 -21.15 22.37
CA ASP A 398 6.92 -20.10 23.29
C ASP A 398 5.74 -19.79 24.21
N SER A 399 5.91 -20.01 25.51
CA SER A 399 4.80 -19.88 26.45
C SER A 399 5.15 -18.91 27.55
N PHE A 400 4.10 -18.33 28.13
CA PHE A 400 4.24 -17.37 29.23
C PHE A 400 2.85 -17.15 29.82
N VAL A 401 2.76 -16.22 30.77
CA VAL A 401 1.50 -15.85 31.39
C VAL A 401 1.39 -14.33 31.38
N ILE A 402 0.22 -13.82 31.00
CA ILE A 402 -0.01 -12.40 30.84
C ILE A 402 -1.37 -12.04 31.44
N ARG A 403 -1.75 -10.77 31.29
CA ARG A 403 -3.04 -10.29 31.77
C ARG A 403 -4.09 -10.42 30.68
N GLY A 404 -5.31 -10.75 31.09
CA GLY A 404 -6.36 -11.04 30.12
C GLY A 404 -6.64 -9.87 29.19
N ASP A 405 -6.80 -8.68 29.77
CA ASP A 405 -7.21 -7.52 28.98
C ASP A 405 -6.23 -7.25 27.84
N GLU A 406 -4.98 -7.66 27.99
CA GLU A 406 -3.94 -7.39 27.01
C GLU A 406 -3.56 -8.63 26.20
N VAL A 407 -4.36 -9.70 26.25
CA VAL A 407 -4.07 -10.87 25.44
C VAL A 407 -4.07 -10.52 23.96
N ARG A 408 -4.81 -9.48 23.58
CA ARG A 408 -4.82 -9.05 22.19
C ARG A 408 -3.44 -8.62 21.71
N GLN A 409 -2.59 -8.15 22.63
CA GLN A 409 -1.30 -7.62 22.23
C GLN A 409 -0.42 -8.66 21.53
N ILE A 410 -0.72 -9.94 21.71
CA ILE A 410 0.08 -11.01 21.11
C ILE A 410 -0.52 -11.26 19.72
N ALA A 411 -0.05 -10.47 18.75
CA ALA A 411 -0.50 -10.62 17.37
C ALA A 411 0.39 -9.79 16.45
N PRO A 412 0.57 -10.19 15.20
CA PRO A 412 1.43 -9.41 14.30
C PRO A 412 0.93 -7.98 14.14
N GLY A 413 1.88 -7.04 14.11
CA GLY A 413 1.56 -5.65 13.88
C GLY A 413 1.01 -4.91 15.09
N GLN A 414 0.76 -5.59 16.19
CA GLN A 414 0.22 -4.92 17.37
C GLN A 414 1.33 -4.18 18.12
N THR A 415 0.91 -3.20 18.93
CA THR A 415 1.84 -2.40 19.71
C THR A 415 1.34 -2.31 21.15
N GLY A 416 2.29 -2.17 22.06
CA GLY A 416 1.98 -2.11 23.47
C GLY A 416 3.20 -2.47 24.29
N LYS A 417 2.98 -2.54 25.60
CA LYS A 417 4.07 -2.87 26.52
C LYS A 417 4.65 -4.24 26.18
N ILE A 418 3.80 -5.25 26.06
CA ILE A 418 4.29 -6.59 25.73
C ILE A 418 4.75 -6.66 24.28
N ALA A 419 4.05 -5.98 23.38
CA ALA A 419 4.44 -6.00 21.99
C ALA A 419 5.73 -5.24 21.70
N ASP A 420 6.26 -4.51 22.68
CA ASP A 420 7.44 -3.69 22.47
C ASP A 420 8.62 -4.12 23.34
N TYR A 421 8.41 -4.34 24.63
CA TYR A 421 9.50 -4.57 25.56
C TYR A 421 9.62 -6.01 26.05
N ASN A 422 8.62 -6.86 25.80
CA ASN A 422 8.63 -8.22 26.32
C ASN A 422 8.63 -9.27 25.22
N TYR A 423 7.68 -9.22 24.29
CA TYR A 423 7.59 -10.26 23.27
C TYR A 423 6.85 -9.67 22.08
N LYS A 424 7.55 -9.53 20.95
CA LYS A 424 6.99 -8.98 19.73
C LYS A 424 7.01 -10.05 18.65
N LEU A 425 5.84 -10.35 18.09
CA LEU A 425 5.78 -11.29 17.00
C LEU A 425 6.24 -10.63 15.69
N PRO A 426 6.74 -11.41 14.75
CA PRO A 426 7.18 -10.82 13.47
C PRO A 426 6.01 -10.23 12.71
N ASP A 427 6.32 -9.23 11.88
CA ASP A 427 5.29 -8.60 11.06
C ASP A 427 4.50 -9.65 10.28
N ASP A 428 5.20 -10.64 9.72
CA ASP A 428 4.57 -11.79 9.09
C ASP A 428 4.75 -13.01 9.98
N PHE A 429 3.65 -13.73 10.21
CA PHE A 429 3.65 -14.88 11.11
C PHE A 429 2.99 -16.05 10.42
N THR A 430 3.50 -17.25 10.68
CA THR A 430 3.01 -18.49 10.09
C THR A 430 2.75 -19.53 11.17
N GLY A 431 2.10 -19.10 12.25
CA GLY A 431 1.84 -19.99 13.36
C GLY A 431 0.47 -19.81 13.99
N CYS A 432 0.34 -20.25 15.24
CA CYS A 432 -0.91 -20.18 15.98
C CYS A 432 -0.64 -19.67 17.38
N VAL A 433 -1.69 -19.15 18.01
CA VAL A 433 -1.63 -18.67 19.39
C VAL A 433 -2.79 -19.28 20.16
N ILE A 434 -2.49 -19.85 21.33
CA ILE A 434 -3.49 -20.42 22.22
C ILE A 434 -3.40 -19.68 23.54
N ALA A 435 -4.54 -19.28 24.08
CA ALA A 435 -4.55 -18.55 25.35
C ALA A 435 -5.79 -18.98 26.13
N TRP A 436 -5.59 -19.35 27.39
CA TRP A 436 -6.70 -19.76 28.23
C TRP A 436 -6.52 -19.23 29.64
N ASN A 437 -7.66 -18.95 30.29
CA ASN A 437 -7.63 -18.44 31.65
C ASN A 437 -7.06 -19.48 32.60
N SER A 438 -6.27 -19.01 33.57
CA SER A 438 -5.64 -19.88 34.56
C SER A 438 -5.80 -19.27 35.94
N ASN A 439 -6.97 -18.71 36.23
CA ASN A 439 -7.19 -18.08 37.52
C ASN A 439 -7.05 -19.07 38.66
N ASN A 440 -7.58 -20.28 38.48
CA ASN A 440 -7.52 -21.28 39.54
C ASN A 440 -6.08 -21.64 39.88
N LEU A 441 -5.26 -21.93 38.86
CA LEU A 441 -3.89 -22.36 39.11
C LEU A 441 -3.07 -21.24 39.72
N ASP A 442 -3.09 -20.06 39.11
CA ASP A 442 -2.31 -18.92 39.56
C ASP A 442 -3.16 -18.04 40.47
N SER A 443 -2.67 -16.83 40.75
CA SER A 443 -3.42 -15.82 41.48
C SER A 443 -3.81 -16.32 42.87
N LYS A 444 -2.78 -16.53 43.69
CA LYS A 444 -2.98 -16.89 45.08
C LYS A 444 -3.86 -15.84 45.76
N VAL A 445 -4.46 -16.21 46.90
CA VAL A 445 -5.40 -15.30 47.57
C VAL A 445 -4.69 -14.02 47.98
N GLY A 446 -3.51 -14.15 48.59
CA GLY A 446 -2.77 -12.97 49.00
C GLY A 446 -2.27 -12.15 47.81
N GLY A 447 -1.86 -12.84 46.75
CA GLY A 447 -1.30 -12.18 45.58
C GLY A 447 -0.10 -12.93 45.07
N ASN A 448 -0.10 -13.25 43.77
CA ASN A 448 0.99 -14.05 43.21
C ASN A 448 2.32 -13.31 43.34
N TYR A 449 2.45 -12.16 42.71
CA TYR A 449 3.67 -11.35 42.74
C TYR A 449 4.88 -12.13 42.24
N ASN A 450 4.65 -13.20 41.48
CA ASN A 450 5.74 -14.02 40.96
C ASN A 450 5.95 -13.86 39.46
N TYR A 451 5.02 -13.23 38.76
CA TYR A 451 5.12 -13.00 37.32
C TYR A 451 5.41 -11.53 37.08
N LEU A 452 6.57 -11.23 36.52
CA LEU A 452 7.03 -9.88 36.29
C LEU A 452 7.14 -9.61 34.80
N TYR A 453 6.76 -8.40 34.39
CA TYR A 453 6.85 -8.00 32.99
C TYR A 453 7.65 -6.71 32.89
N ARG A 454 8.54 -6.64 31.91
CA ARG A 454 9.34 -5.44 31.73
C ARG A 454 8.45 -4.26 31.38
N LEU A 455 8.71 -3.12 32.00
CA LEU A 455 7.91 -1.92 31.81
C LEU A 455 8.67 -0.77 31.19
N PHE A 456 9.96 -0.64 31.48
CA PHE A 456 10.80 0.42 30.93
C PHE A 456 11.85 -0.19 30.00
N ARG A 457 12.13 0.49 28.90
CA ARG A 457 13.19 0.09 28.00
C ARG A 457 13.58 1.27 27.13
N LYS A 458 14.83 1.24 26.66
CA LYS A 458 15.34 2.34 25.84
C LYS A 458 14.79 2.30 24.43
N SER A 459 14.65 1.10 23.86
CA SER A 459 14.19 0.94 22.49
C SER A 459 13.20 -0.22 22.44
N ASN A 460 12.83 -0.62 21.23
CA ASN A 460 11.89 -1.71 21.03
C ASN A 460 12.65 -3.02 20.84
N LEU A 461 11.89 -4.12 20.79
CA LEU A 461 12.46 -5.46 20.64
C LEU A 461 12.25 -5.95 19.22
N LYS A 462 13.29 -6.57 18.67
CA LYS A 462 13.16 -7.25 17.39
C LYS A 462 12.34 -8.52 17.58
N PRO A 463 11.76 -9.05 16.50
CA PRO A 463 10.94 -10.27 16.64
C PRO A 463 11.74 -11.40 17.27
N PHE A 464 11.10 -12.11 18.18
CA PHE A 464 11.71 -13.25 18.88
C PHE A 464 13.05 -12.85 19.49
N GLU A 465 13.00 -11.88 20.40
CA GLU A 465 14.19 -11.37 21.07
C GLU A 465 13.92 -11.30 22.56
N ARG A 466 14.71 -12.03 23.35
CA ARG A 466 14.59 -11.98 24.80
C ARG A 466 15.48 -10.89 25.37
N ASP A 467 15.24 -10.55 26.63
CA ASP A 467 16.04 -9.55 27.33
C ASP A 467 15.97 -9.81 28.83
N ILE A 468 17.02 -10.43 29.36
CA ILE A 468 17.10 -10.73 30.79
C ILE A 468 17.82 -9.59 31.50
N SER A 469 18.02 -8.48 30.79
CA SER A 469 18.71 -7.34 31.38
C SER A 469 18.01 -6.88 32.64
N THR A 470 18.80 -6.59 33.66
CA THR A 470 18.29 -6.18 34.98
C THR A 470 19.07 -4.98 35.49
N GLU A 471 19.27 -3.99 34.64
CA GLU A 471 19.97 -2.76 34.98
C GLU A 471 18.96 -1.63 35.11
N ILE A 472 19.17 -0.78 36.12
CA ILE A 472 18.25 0.33 36.36
C ILE A 472 18.16 1.18 35.11
N TYR A 473 16.93 1.54 34.73
CA TYR A 473 16.69 2.32 33.54
C TYR A 473 16.71 3.80 33.88
N GLN A 474 17.53 4.56 33.14
CA GLN A 474 17.63 6.00 33.36
C GLN A 474 16.41 6.69 32.76
N ALA A 475 15.81 7.58 33.55
CA ALA A 475 14.63 8.32 33.12
C ALA A 475 14.95 9.74 32.66
N GLY A 476 15.68 10.49 33.48
CA GLY A 476 16.04 11.85 33.13
C GLY A 476 17.48 11.98 32.64
N SER A 477 18.19 12.97 33.17
CA SER A 477 19.57 13.21 32.78
C SER A 477 20.58 12.68 33.79
N THR A 478 20.18 12.54 35.06
CA THR A 478 21.11 12.06 36.07
C THR A 478 21.49 10.61 35.77
N PRO A 479 22.78 10.27 35.74
CA PRO A 479 23.17 8.88 35.46
C PRO A 479 22.97 8.00 36.68
N CYS A 480 21.96 7.13 36.62
CA CYS A 480 21.68 6.22 37.73
C CYS A 480 22.85 5.28 37.95
N ASN A 481 23.52 5.42 39.09
CA ASN A 481 24.69 4.60 39.41
C ASN A 481 24.28 3.26 40.03
N GLY A 482 23.38 2.55 39.35
CA GLY A 482 22.94 1.26 39.84
C GLY A 482 22.18 1.31 41.14
N VAL A 483 21.55 2.44 41.45
CA VAL A 483 20.79 2.60 42.69
C VAL A 483 19.40 3.09 42.33
N GLU A 484 18.38 2.37 42.81
CA GLU A 484 17.00 2.80 42.62
C GLU A 484 16.78 4.16 43.27
N GLY A 485 16.09 5.04 42.55
CA GLY A 485 15.83 6.36 43.08
C GLY A 485 15.02 7.18 42.11
N PHE A 486 14.89 8.47 42.43
CA PHE A 486 14.13 9.38 41.59
C PHE A 486 14.67 9.38 40.17
N ASN A 487 13.76 9.27 39.20
CA ASN A 487 14.14 9.18 37.78
C ASN A 487 15.07 8.02 37.53
N CYS A 488 14.94 6.96 38.34
CA CYS A 488 15.77 5.76 38.19
C CYS A 488 14.90 4.59 38.63
N TYR A 489 14.38 3.85 37.65
CA TYR A 489 13.34 2.85 37.90
C TYR A 489 13.85 1.46 37.56
N PHE A 490 13.47 0.49 38.39
CA PHE A 490 13.75 -0.91 38.11
C PHE A 490 12.81 -1.39 37.02
N PRO A 491 13.31 -1.96 35.90
CA PRO A 491 12.47 -2.27 34.74
C PRO A 491 11.71 -3.59 34.87
N LEU A 492 11.06 -3.80 36.01
CA LEU A 492 10.27 -5.01 36.23
C LEU A 492 9.21 -4.70 37.28
N GLN A 493 7.95 -4.79 36.89
CA GLN A 493 6.82 -4.53 37.78
C GLN A 493 6.00 -5.80 37.91
N SER A 494 5.76 -6.23 39.14
CA SER A 494 5.04 -7.48 39.39
C SER A 494 3.57 -7.34 39.02
N TYR A 495 3.04 -8.38 38.37
CA TYR A 495 1.62 -8.38 38.02
C TYR A 495 0.74 -8.39 39.25
N GLY A 496 1.08 -9.20 40.25
CA GLY A 496 0.29 -9.31 41.45
C GLY A 496 -1.12 -9.79 41.18
N PHE A 497 -1.24 -11.04 40.71
CA PHE A 497 -2.55 -11.61 40.40
C PHE A 497 -3.26 -12.02 41.68
N GLN A 498 -4.58 -11.82 41.69
CA GLN A 498 -5.44 -12.20 42.80
C GLN A 498 -6.70 -12.84 42.26
N PRO A 499 -7.32 -13.75 43.03
CA PRO A 499 -8.47 -14.48 42.49
C PRO A 499 -9.64 -13.59 42.09
N THR A 500 -9.84 -12.47 42.77
CA THR A 500 -11.00 -11.62 42.54
C THR A 500 -10.68 -10.39 41.69
N ASN A 501 -9.54 -10.40 40.98
CA ASN A 501 -9.17 -9.24 40.17
C ASN A 501 -10.18 -8.95 39.08
N GLY A 502 -11.01 -9.93 38.70
CA GLY A 502 -11.94 -9.77 37.61
C GLY A 502 -11.40 -10.35 36.32
N VAL A 503 -12.31 -10.90 35.51
CA VAL A 503 -11.92 -11.63 34.31
C VAL A 503 -10.95 -10.82 33.47
N GLY A 504 -11.11 -9.49 33.47
CA GLY A 504 -10.21 -8.65 32.68
C GLY A 504 -8.77 -8.74 33.15
N TYR A 505 -8.56 -8.71 34.47
CA TYR A 505 -7.22 -8.68 35.04
C TYR A 505 -6.74 -10.04 35.51
N GLN A 506 -7.51 -11.11 35.30
CA GLN A 506 -7.09 -12.42 35.75
C GLN A 506 -5.93 -12.93 34.90
N PRO A 507 -5.16 -13.89 35.42
CA PRO A 507 -4.05 -14.43 34.63
C PRO A 507 -4.55 -15.18 33.40
N TYR A 508 -3.73 -15.19 32.37
CA TYR A 508 -4.03 -15.93 31.14
C TYR A 508 -2.75 -16.60 30.68
N ARG A 509 -2.77 -17.93 30.60
CA ARG A 509 -1.63 -18.68 30.10
C ARG A 509 -1.68 -18.71 28.58
N VAL A 510 -0.59 -18.30 27.95
CA VAL A 510 -0.50 -18.15 26.50
C VAL A 510 0.66 -19.00 26.00
N VAL A 511 0.43 -19.68 24.89
CA VAL A 511 1.49 -20.43 24.19
C VAL A 511 1.32 -20.16 22.70
N VAL A 512 2.40 -19.72 22.07
CA VAL A 512 2.43 -19.44 20.63
C VAL A 512 3.30 -20.48 19.96
N LEU A 513 2.76 -21.13 18.95
CA LEU A 513 3.48 -22.11 18.16
C LEU A 513 3.87 -21.48 16.84
N SER A 514 5.16 -21.57 16.49
CA SER A 514 5.67 -21.08 15.22
C SER A 514 6.29 -22.24 14.45
N PHE A 515 6.00 -22.29 13.16
CA PHE A 515 6.47 -23.38 12.30
C PHE A 515 7.58 -22.88 11.40
N GLU A 516 8.70 -23.59 11.38
CA GLU A 516 9.85 -23.26 10.55
C GLU A 516 10.00 -24.34 9.49
N LEU A 517 9.77 -23.97 8.23
CA LEU A 517 10.00 -24.86 7.09
C LEU A 517 11.34 -24.47 6.46
N LEU A 518 12.42 -24.88 7.11
CA LEU A 518 13.77 -24.52 6.68
C LEU A 518 14.20 -25.43 5.54
N HIS A 519 15.46 -25.28 5.11
CA HIS A 519 15.99 -26.08 4.01
C HIS A 519 16.11 -27.55 4.39
N ALA A 520 16.23 -27.86 5.67
CA ALA A 520 16.41 -29.24 6.10
C ALA A 520 15.14 -30.04 5.85
N PRO A 521 15.26 -31.37 5.80
CA PRO A 521 14.07 -32.19 5.50
C PRO A 521 12.98 -32.00 6.53
N ALA A 522 11.74 -32.05 6.05
CA ALA A 522 10.60 -31.95 6.95
C ALA A 522 10.60 -33.10 7.94
N THR A 523 10.40 -32.77 9.22
CA THR A 523 10.48 -33.75 10.29
C THR A 523 9.14 -33.97 10.98
N VAL A 524 8.51 -32.91 11.48
CA VAL A 524 7.22 -33.03 12.15
C VAL A 524 6.13 -33.17 11.11
N CYS A 525 5.22 -34.12 11.33
CA CYS A 525 4.15 -34.39 10.38
C CYS A 525 2.92 -34.88 11.13
N GLY A 526 1.82 -35.03 10.40
CA GLY A 526 0.57 -35.47 10.96
C GLY A 526 0.57 -36.95 11.27
N PRO A 527 -0.49 -37.42 11.92
CA PRO A 527 -0.55 -38.84 12.33
C PRO A 527 -0.88 -39.77 11.18
N LYS A 528 -1.73 -39.32 10.27
CA LYS A 528 -2.18 -40.14 9.13
C LYS A 528 -2.51 -41.57 9.56
N PHE B 329 -24.34 -12.38 -42.30
CA PHE B 329 -24.96 -12.43 -40.98
C PHE B 329 -26.47 -12.29 -41.10
N PRO B 330 -27.20 -12.83 -40.13
CA PRO B 330 -28.67 -12.70 -40.17
C PRO B 330 -29.10 -11.25 -39.99
N ASN B 331 -30.25 -10.93 -40.58
CA ASN B 331 -30.79 -9.57 -40.54
C ASN B 331 -31.43 -9.34 -39.17
N ILE B 332 -30.59 -8.96 -38.21
CA ILE B 332 -31.04 -8.63 -36.86
C ILE B 332 -30.41 -7.30 -36.46
N THR B 333 -31.22 -6.41 -35.90
CA THR B 333 -30.77 -5.09 -35.45
C THR B 333 -31.18 -4.91 -34.00
N ASN B 334 -30.21 -4.61 -33.14
CA ASN B 334 -30.45 -4.40 -31.73
C ASN B 334 -29.12 -4.03 -31.08
N LEU B 335 -29.20 -3.61 -29.82
CA LEU B 335 -28.01 -3.31 -29.01
C LEU B 335 -28.07 -4.16 -27.76
N CYS B 336 -27.04 -4.98 -27.56
CA CYS B 336 -27.03 -5.86 -26.40
C CYS B 336 -26.97 -5.02 -25.12
N PRO B 337 -27.66 -5.45 -24.05
CA PRO B 337 -27.72 -4.61 -22.83
C PRO B 337 -26.48 -4.76 -21.95
N PHE B 338 -25.31 -4.56 -22.55
CA PHE B 338 -24.09 -4.51 -21.75
C PHE B 338 -24.07 -3.28 -20.85
N GLY B 339 -24.74 -2.21 -21.27
CA GLY B 339 -24.73 -0.99 -20.48
C GLY B 339 -25.29 -1.20 -19.09
N GLU B 340 -26.43 -1.88 -18.98
CA GLU B 340 -27.06 -2.04 -17.67
C GLU B 340 -26.22 -2.93 -16.77
N VAL B 341 -25.69 -4.04 -17.30
CA VAL B 341 -24.91 -4.94 -16.48
C VAL B 341 -23.59 -4.32 -16.06
N PHE B 342 -23.02 -3.44 -16.87
CA PHE B 342 -21.75 -2.82 -16.54
C PHE B 342 -21.90 -1.57 -15.67
N ASN B 343 -23.04 -0.88 -15.76
CA ASN B 343 -23.28 0.34 -15.00
C ASN B 343 -24.28 0.14 -13.88
N ALA B 344 -24.68 -1.10 -13.59
CA ALA B 344 -25.65 -1.34 -12.54
C ALA B 344 -25.13 -0.82 -11.20
N THR B 345 -26.01 -0.13 -10.48
CA THR B 345 -25.64 0.42 -9.18
C THR B 345 -25.45 -0.66 -8.13
N ARG B 346 -26.00 -1.86 -8.34
CA ARG B 346 -25.92 -2.95 -7.39
C ARG B 346 -25.23 -4.15 -8.03
N PHE B 347 -24.19 -4.65 -7.38
CA PHE B 347 -23.53 -5.89 -7.75
C PHE B 347 -23.64 -6.87 -6.60
N ALA B 348 -24.18 -8.05 -6.90
CA ALA B 348 -24.39 -9.04 -5.85
C ALA B 348 -23.05 -9.54 -5.30
N SER B 349 -23.10 -10.01 -4.07
CA SER B 349 -21.89 -10.54 -3.43
C SER B 349 -21.41 -11.77 -4.17
N VAL B 350 -20.22 -12.24 -3.79
CA VAL B 350 -19.59 -13.35 -4.50
C VAL B 350 -20.45 -14.61 -4.38
N TYR B 351 -20.90 -14.91 -3.17
CA TYR B 351 -21.62 -16.17 -2.96
C TYR B 351 -22.97 -16.19 -3.66
N ALA B 352 -23.45 -15.05 -4.13
CA ALA B 352 -24.70 -14.96 -4.90
C ALA B 352 -24.47 -14.16 -6.17
N TRP B 353 -23.40 -14.49 -6.88
CA TRP B 353 -23.06 -13.78 -8.11
C TRP B 353 -24.25 -13.75 -9.06
N ASN B 354 -24.52 -12.58 -9.62
CA ASN B 354 -25.73 -12.40 -10.41
C ASN B 354 -25.47 -12.78 -11.86
N ARG B 355 -26.36 -13.60 -12.41
CA ARG B 355 -26.21 -14.17 -13.74
C ARG B 355 -27.31 -13.64 -14.64
N LYS B 356 -26.91 -13.15 -15.82
CA LYS B 356 -27.86 -12.65 -16.82
C LYS B 356 -27.59 -13.33 -18.16
N ARG B 357 -28.65 -13.74 -18.83
CA ARG B 357 -28.54 -14.37 -20.14
C ARG B 357 -28.80 -13.33 -21.22
N ILE B 358 -27.85 -13.18 -22.13
CA ILE B 358 -27.93 -12.21 -23.22
C ILE B 358 -27.97 -12.99 -24.53
N SER B 359 -28.98 -12.71 -25.35
CA SER B 359 -29.15 -13.36 -26.63
C SER B 359 -30.04 -12.48 -27.50
N ASN B 360 -30.01 -12.74 -28.80
CA ASN B 360 -30.83 -12.02 -29.78
C ASN B 360 -30.55 -10.51 -29.72
N CYS B 361 -29.31 -10.16 -30.03
CA CYS B 361 -28.88 -8.76 -30.08
C CYS B 361 -27.54 -8.71 -30.77
N VAL B 362 -27.10 -7.49 -31.08
CA VAL B 362 -25.83 -7.27 -31.77
C VAL B 362 -24.85 -6.61 -30.81
N ALA B 363 -24.03 -7.43 -30.15
CA ALA B 363 -23.04 -6.91 -29.21
C ALA B 363 -21.90 -6.24 -29.96
N ASP B 364 -21.41 -5.14 -29.40
CA ASP B 364 -20.24 -4.43 -29.92
C ASP B 364 -19.23 -4.35 -28.78
N TYR B 365 -18.42 -5.39 -28.64
CA TYR B 365 -17.48 -5.46 -27.52
C TYR B 365 -16.45 -4.35 -27.59
N SER B 366 -16.12 -3.88 -28.79
CA SER B 366 -15.11 -2.84 -28.94
C SER B 366 -15.41 -1.65 -28.02
N VAL B 367 -16.68 -1.28 -27.91
CA VAL B 367 -17.04 -0.10 -27.12
C VAL B 367 -16.53 -0.25 -25.69
N LEU B 368 -16.65 -1.44 -25.11
CA LEU B 368 -16.11 -1.66 -23.77
C LEU B 368 -14.64 -2.04 -23.80
N TYR B 369 -14.14 -2.58 -24.92
CA TYR B 369 -12.73 -2.88 -25.01
C TYR B 369 -11.89 -1.59 -24.97
N ASN B 370 -12.36 -0.55 -25.65
CA ASN B 370 -11.65 0.72 -25.73
C ASN B 370 -12.02 1.67 -24.59
N SER B 371 -12.84 1.23 -23.64
CA SER B 371 -13.22 2.09 -22.53
C SER B 371 -11.99 2.57 -21.77
N ALA B 372 -10.92 1.78 -21.75
CA ALA B 372 -9.66 2.14 -21.11
C ALA B 372 -9.82 2.38 -19.62
N SER B 373 -10.89 1.85 -19.02
CA SER B 373 -11.12 1.98 -17.59
C SER B 373 -11.04 0.64 -16.86
N PHE B 374 -10.83 -0.46 -17.58
CA PHE B 374 -10.78 -1.78 -16.97
C PHE B 374 -9.33 -2.11 -16.59
N SER B 375 -9.09 -2.30 -15.29
CA SER B 375 -7.75 -2.62 -14.82
C SER B 375 -7.30 -4.01 -15.23
N THR B 376 -8.21 -4.87 -15.66
CA THR B 376 -7.84 -6.21 -16.09
C THR B 376 -8.86 -6.72 -17.08
N PHE B 377 -8.39 -7.16 -18.26
CA PHE B 377 -9.25 -7.64 -19.33
C PHE B 377 -8.57 -8.89 -19.92
N LYS B 378 -8.92 -10.05 -19.38
CA LYS B 378 -8.26 -11.30 -19.76
C LYS B 378 -9.26 -12.19 -20.49
N CYS B 379 -8.95 -12.52 -21.73
CA CYS B 379 -9.81 -13.37 -22.55
C CYS B 379 -9.15 -14.73 -22.74
N TYR B 380 -9.89 -15.79 -22.46
CA TYR B 380 -9.41 -17.15 -22.56
C TYR B 380 -10.14 -17.87 -23.68
N GLY B 381 -9.38 -18.43 -24.62
CA GLY B 381 -9.96 -19.14 -25.74
C GLY B 381 -10.47 -18.27 -26.85
N VAL B 382 -10.33 -16.95 -26.75
CA VAL B 382 -10.79 -16.03 -27.78
C VAL B 382 -9.93 -14.78 -27.74
N SER B 383 -9.47 -14.33 -28.89
CA SER B 383 -8.66 -13.12 -28.97
C SER B 383 -9.56 -11.89 -28.88
N PRO B 384 -9.29 -10.94 -27.98
CA PRO B 384 -10.20 -9.79 -27.84
C PRO B 384 -10.42 -9.05 -29.13
N THR B 385 -9.37 -8.88 -29.95
CA THR B 385 -9.53 -8.17 -31.22
C THR B 385 -10.49 -8.90 -32.14
N LYS B 386 -10.37 -10.23 -32.21
CA LYS B 386 -11.22 -11.03 -33.09
C LYS B 386 -12.68 -11.03 -32.66
N LEU B 387 -12.98 -10.57 -31.44
CA LEU B 387 -14.33 -10.71 -30.91
C LEU B 387 -15.37 -10.12 -31.85
N ASN B 388 -15.09 -8.95 -32.43
CA ASN B 388 -16.06 -8.29 -33.29
C ASN B 388 -16.50 -9.17 -34.45
N ASP B 389 -15.66 -10.10 -34.89
CA ASP B 389 -16.00 -10.97 -36.00
C ASP B 389 -16.69 -12.26 -35.56
N LEU B 390 -16.56 -12.65 -34.30
CA LEU B 390 -17.18 -13.87 -33.83
C LEU B 390 -18.71 -13.73 -33.84
N CYS B 391 -19.38 -14.88 -33.93
CA CYS B 391 -20.84 -14.95 -33.97
C CYS B 391 -21.26 -16.08 -33.04
N PHE B 392 -21.54 -15.74 -31.78
CA PHE B 392 -21.81 -16.73 -30.75
C PHE B 392 -23.28 -17.17 -30.83
N THR B 393 -23.71 -17.96 -29.86
CA THR B 393 -25.10 -18.39 -29.76
C THR B 393 -25.76 -17.95 -28.46
N ASN B 394 -25.05 -18.04 -27.34
CA ASN B 394 -25.57 -17.62 -26.03
C ASN B 394 -24.48 -16.85 -25.31
N VAL B 395 -24.88 -15.80 -24.59
CA VAL B 395 -23.95 -15.05 -23.76
C VAL B 395 -24.46 -15.10 -22.32
N TYR B 396 -23.52 -15.21 -21.39
CA TYR B 396 -23.85 -15.28 -19.96
C TYR B 396 -22.95 -14.31 -19.23
N ALA B 397 -23.53 -13.25 -18.68
CA ALA B 397 -22.79 -12.27 -17.91
C ALA B 397 -22.98 -12.56 -16.43
N ASP B 398 -21.88 -12.90 -15.75
CA ASP B 398 -21.89 -13.18 -14.32
C ASP B 398 -21.10 -12.09 -13.62
N SER B 399 -21.78 -11.31 -12.78
CA SER B 399 -21.15 -10.16 -12.14
C SER B 399 -21.12 -10.35 -10.63
N PHE B 400 -20.09 -9.79 -10.02
CA PHE B 400 -19.92 -9.84 -8.56
C PHE B 400 -18.80 -8.88 -8.17
N VAL B 401 -18.44 -8.88 -6.89
CA VAL B 401 -17.40 -7.99 -6.36
C VAL B 401 -16.46 -8.83 -5.49
N ILE B 402 -15.15 -8.67 -5.73
CA ILE B 402 -14.15 -9.46 -5.03
C ILE B 402 -13.09 -8.52 -4.48
N ARG B 403 -12.39 -8.99 -3.45
CA ARG B 403 -11.24 -8.27 -2.92
C ARG B 403 -10.22 -8.02 -4.04
N GLY B 404 -9.31 -7.09 -3.78
CA GLY B 404 -8.35 -6.70 -4.79
C GLY B 404 -7.41 -7.81 -5.22
N ASP B 405 -6.57 -8.29 -4.31
CA ASP B 405 -5.53 -9.25 -4.67
C ASP B 405 -6.09 -10.61 -5.06
N GLU B 406 -7.37 -10.88 -4.82
CA GLU B 406 -7.98 -12.16 -5.15
C GLU B 406 -8.61 -12.18 -6.53
N VAL B 407 -8.45 -11.11 -7.31
CA VAL B 407 -8.98 -11.11 -8.68
C VAL B 407 -8.32 -12.21 -9.49
N ARG B 408 -7.02 -12.45 -9.26
CA ARG B 408 -6.32 -13.49 -10.00
C ARG B 408 -6.98 -14.85 -9.82
N GLN B 409 -7.69 -15.06 -8.70
CA GLN B 409 -8.32 -16.34 -8.47
C GLN B 409 -9.41 -16.64 -9.48
N ILE B 410 -9.98 -15.62 -10.13
CA ILE B 410 -11.01 -15.82 -11.13
C ILE B 410 -10.34 -16.16 -12.46
N ALA B 411 -10.14 -17.45 -12.72
CA ALA B 411 -9.51 -17.90 -13.94
C ALA B 411 -9.60 -19.42 -14.03
N PRO B 412 -9.57 -19.99 -15.23
CA PRO B 412 -9.68 -21.45 -15.34
C PRO B 412 -8.53 -22.14 -14.64
N GLY B 413 -8.82 -23.29 -14.03
CA GLY B 413 -7.81 -24.09 -13.39
C GLY B 413 -7.15 -23.44 -12.19
N GLN B 414 -7.74 -22.39 -11.64
CA GLN B 414 -7.18 -21.72 -10.47
C GLN B 414 -7.83 -22.25 -9.19
N THR B 415 -7.06 -22.25 -8.11
CA THR B 415 -7.52 -22.73 -6.82
C THR B 415 -7.16 -21.72 -5.74
N GLY B 416 -7.99 -21.67 -4.70
CA GLY B 416 -7.79 -20.75 -3.61
C GLY B 416 -8.95 -20.75 -2.64
N LYS B 417 -9.36 -19.56 -2.20
CA LYS B 417 -10.49 -19.43 -1.29
C LYS B 417 -11.78 -19.06 -1.98
N ILE B 418 -11.70 -18.34 -3.11
CA ILE B 418 -12.88 -17.97 -3.87
C ILE B 418 -13.08 -18.83 -5.11
N ALA B 419 -12.00 -19.30 -5.74
CA ALA B 419 -12.13 -20.09 -6.94
C ALA B 419 -12.71 -21.48 -6.68
N ASP B 420 -12.83 -21.89 -5.42
CA ASP B 420 -13.32 -23.22 -5.09
C ASP B 420 -14.48 -23.23 -4.11
N TYR B 421 -14.76 -22.14 -3.41
CA TYR B 421 -15.87 -22.08 -2.46
C TYR B 421 -17.00 -21.16 -2.90
N ASN B 422 -16.74 -20.21 -3.77
CA ASN B 422 -17.74 -19.20 -4.14
C ASN B 422 -18.04 -19.18 -5.63
N TYR B 423 -17.02 -19.26 -6.48
CA TYR B 423 -17.23 -19.14 -7.93
C TYR B 423 -16.15 -19.95 -8.63
N LYS B 424 -16.53 -21.11 -9.18
CA LYS B 424 -15.60 -22.00 -9.85
C LYS B 424 -15.86 -21.98 -11.34
N LEU B 425 -14.79 -21.77 -12.13
CA LEU B 425 -14.89 -21.75 -13.57
C LEU B 425 -14.47 -23.10 -14.17
N PRO B 426 -15.05 -23.51 -15.27
CA PRO B 426 -14.67 -24.79 -15.88
C PRO B 426 -13.24 -24.74 -16.42
N ASP B 427 -12.64 -25.93 -16.52
CA ASP B 427 -11.27 -26.00 -17.02
C ASP B 427 -11.17 -25.47 -18.45
N ASP B 428 -12.11 -25.84 -19.30
CA ASP B 428 -12.15 -25.37 -20.68
C ASP B 428 -12.97 -24.10 -20.84
N PHE B 429 -12.68 -23.08 -20.03
CA PHE B 429 -13.41 -21.82 -20.13
C PHE B 429 -13.16 -21.18 -21.48
N THR B 430 -14.19 -20.55 -22.04
CA THR B 430 -14.12 -19.94 -23.36
C THR B 430 -14.79 -18.57 -23.34
N GLY B 431 -14.49 -17.79 -22.31
CA GLY B 431 -15.06 -16.46 -22.18
C GLY B 431 -14.03 -15.40 -21.88
N CYS B 432 -14.46 -14.30 -21.26
CA CYS B 432 -13.56 -13.22 -20.91
C CYS B 432 -13.89 -12.72 -19.51
N VAL B 433 -12.89 -12.13 -18.87
CA VAL B 433 -13.02 -11.61 -17.51
C VAL B 433 -12.60 -10.15 -17.53
N ILE B 434 -13.48 -9.27 -17.03
CA ILE B 434 -13.25 -7.84 -16.97
C ILE B 434 -13.36 -7.45 -15.50
N ALA B 435 -12.24 -7.02 -14.92
CA ALA B 435 -12.19 -6.62 -13.52
C ALA B 435 -11.66 -5.19 -13.44
N TRP B 436 -12.35 -4.34 -12.68
CA TRP B 436 -11.92 -2.96 -12.52
C TRP B 436 -12.14 -2.50 -11.10
N ASN B 437 -11.23 -1.65 -10.62
CA ASN B 437 -11.32 -1.14 -9.26
C ASN B 437 -12.56 -0.28 -9.09
N SER B 438 -13.23 -0.42 -7.96
CA SER B 438 -14.41 0.36 -7.63
C SER B 438 -14.34 0.85 -6.19
N ASN B 439 -13.14 1.25 -5.77
CA ASN B 439 -12.96 1.64 -4.36
C ASN B 439 -13.82 2.83 -3.99
N ASN B 440 -13.89 3.84 -4.86
CA ASN B 440 -14.65 5.04 -4.52
C ASN B 440 -16.14 4.73 -4.40
N LEU B 441 -16.68 3.93 -5.30
CA LEU B 441 -18.11 3.72 -5.39
C LEU B 441 -18.64 2.63 -4.47
N ASP B 442 -17.77 1.81 -3.88
CA ASP B 442 -18.20 0.70 -3.03
C ASP B 442 -17.78 0.90 -1.58
N SER B 443 -16.49 1.08 -1.32
CA SER B 443 -16.02 1.24 0.05
C SER B 443 -16.48 2.57 0.63
N LYS B 444 -16.79 2.55 1.92
CA LYS B 444 -17.19 3.76 2.63
C LYS B 444 -16.46 3.81 3.97
N VAL B 445 -16.31 5.02 4.49
CA VAL B 445 -15.59 5.21 5.74
C VAL B 445 -16.20 4.33 6.82
N GLY B 446 -15.35 3.74 7.65
CA GLY B 446 -15.78 2.83 8.68
C GLY B 446 -15.99 1.41 8.21
N GLY B 447 -15.78 1.12 6.94
CA GLY B 447 -15.94 -0.23 6.44
C GLY B 447 -17.34 -0.46 5.87
N ASN B 448 -17.40 -1.31 4.84
CA ASN B 448 -18.64 -1.70 4.21
C ASN B 448 -18.87 -3.19 4.44
N TYR B 449 -20.04 -3.54 4.96
CA TYR B 449 -20.36 -4.92 5.31
C TYR B 449 -21.56 -5.44 4.52
N ASN B 450 -21.90 -4.80 3.41
CA ASN B 450 -22.98 -5.28 2.56
C ASN B 450 -22.55 -6.39 1.62
N TYR B 451 -21.26 -6.68 1.55
CA TYR B 451 -20.72 -7.72 0.68
C TYR B 451 -20.25 -8.88 1.54
N LEU B 452 -20.78 -10.07 1.27
CA LEU B 452 -20.49 -11.27 2.04
C LEU B 452 -19.95 -12.35 1.11
N TYR B 453 -18.94 -13.08 1.58
CA TYR B 453 -18.41 -14.21 0.83
C TYR B 453 -18.31 -15.42 1.74
N ARG B 454 -18.51 -16.59 1.15
CA ARG B 454 -18.43 -17.83 1.91
C ARG B 454 -17.00 -18.10 2.35
N LEU B 455 -16.85 -18.61 3.57
CA LEU B 455 -15.54 -18.87 4.15
C LEU B 455 -15.28 -20.34 4.41
N PHE B 456 -16.29 -21.13 4.76
CA PHE B 456 -16.13 -22.55 5.02
C PHE B 456 -17.17 -23.32 4.22
N ARG B 457 -16.74 -24.42 3.61
CA ARG B 457 -17.65 -25.28 2.87
C ARG B 457 -17.18 -26.72 2.98
N LYS B 458 -18.11 -27.65 2.85
CA LYS B 458 -17.77 -29.07 2.99
C LYS B 458 -16.94 -29.56 1.79
N SER B 459 -17.32 -29.16 0.59
CA SER B 459 -16.63 -29.60 -0.61
C SER B 459 -16.53 -28.44 -1.59
N ASN B 460 -15.51 -28.48 -2.44
CA ASN B 460 -15.30 -27.42 -3.42
C ASN B 460 -16.44 -27.37 -4.41
N LEU B 461 -16.77 -26.14 -4.84
CA LEU B 461 -17.87 -25.95 -5.77
C LEU B 461 -17.54 -26.54 -7.14
N LYS B 462 -18.56 -27.05 -7.80
CA LYS B 462 -18.43 -27.49 -9.18
C LYS B 462 -18.51 -26.27 -10.10
N PRO B 463 -18.03 -26.41 -11.34
CA PRO B 463 -18.01 -25.26 -12.25
C PRO B 463 -19.41 -24.67 -12.43
N PHE B 464 -19.48 -23.34 -12.41
CA PHE B 464 -20.73 -22.61 -12.58
C PHE B 464 -21.82 -23.17 -11.68
N GLU B 465 -21.57 -23.11 -10.37
CA GLU B 465 -22.53 -23.55 -9.37
C GLU B 465 -22.57 -22.53 -8.25
N ARG B 466 -23.76 -22.17 -7.81
CA ARG B 466 -23.96 -21.18 -6.77
C ARG B 466 -24.67 -21.83 -5.57
N ASP B 467 -24.16 -21.53 -4.38
CA ASP B 467 -24.74 -22.04 -3.14
C ASP B 467 -25.11 -20.87 -2.26
N ILE B 468 -26.39 -20.78 -1.91
CA ILE B 468 -26.91 -19.72 -1.05
C ILE B 468 -27.31 -20.23 0.32
N SER B 469 -27.14 -21.52 0.59
CA SER B 469 -27.51 -22.05 1.89
C SER B 469 -26.66 -21.42 2.99
N THR B 470 -27.27 -21.21 4.14
CA THR B 470 -26.62 -20.61 5.29
C THR B 470 -26.56 -21.57 6.47
N GLU B 471 -26.45 -22.86 6.19
CA GLU B 471 -26.35 -23.85 7.25
C GLU B 471 -25.06 -23.64 8.04
N ILE B 472 -25.12 -23.94 9.33
CA ILE B 472 -23.97 -23.78 10.21
C ILE B 472 -22.95 -24.87 9.91
N TYR B 473 -21.70 -24.47 9.71
CA TYR B 473 -20.64 -25.40 9.39
C TYR B 473 -19.88 -25.76 10.66
N GLN B 474 -19.83 -27.06 10.96
CA GLN B 474 -19.18 -27.57 12.17
C GLN B 474 -17.78 -28.07 11.81
N ALA B 475 -16.76 -27.33 12.25
CA ALA B 475 -15.37 -27.74 12.04
C ALA B 475 -14.86 -28.43 13.29
N GLY B 476 -15.48 -29.56 13.60
CA GLY B 476 -15.11 -30.33 14.76
C GLY B 476 -16.01 -31.52 14.92
N SER B 477 -15.62 -32.39 15.87
CA SER B 477 -16.39 -33.60 16.11
C SER B 477 -17.78 -33.28 16.64
N THR B 478 -17.89 -32.27 17.51
CA THR B 478 -19.17 -31.93 18.12
C THR B 478 -20.23 -31.68 17.04
N PRO B 479 -21.25 -32.55 16.92
CA PRO B 479 -22.30 -32.28 15.92
C PRO B 479 -23.30 -31.25 16.42
N CYS B 480 -22.96 -29.97 16.28
CA CYS B 480 -23.87 -28.91 16.67
C CYS B 480 -24.98 -28.77 15.63
N ASN B 481 -26.00 -27.99 16.00
CA ASN B 481 -27.16 -27.80 15.11
C ASN B 481 -27.78 -26.44 15.42
N GLY B 482 -27.57 -25.47 14.54
CA GLY B 482 -28.19 -24.17 14.67
C GLY B 482 -27.60 -23.28 15.73
N VAL B 483 -26.47 -23.65 16.32
CA VAL B 483 -25.82 -22.88 17.37
C VAL B 483 -24.39 -22.59 16.96
N GLU B 484 -23.98 -21.33 17.07
CA GLU B 484 -22.62 -20.92 16.73
C GLU B 484 -21.70 -21.12 17.92
N GLY B 485 -21.42 -22.39 18.19
CA GLY B 485 -20.60 -22.78 19.32
C GLY B 485 -19.12 -22.52 19.10
N PHE B 486 -18.30 -23.23 19.86
CA PHE B 486 -16.85 -23.04 19.77
C PHE B 486 -16.32 -23.48 18.41
N ASN B 487 -16.86 -24.57 17.87
CA ASN B 487 -16.44 -25.12 16.59
C ASN B 487 -17.58 -25.14 15.59
N CYS B 488 -18.36 -24.06 15.56
CA CYS B 488 -19.46 -23.91 14.60
C CYS B 488 -19.57 -22.44 14.24
N TYR B 489 -19.25 -22.11 13.00
CA TYR B 489 -19.15 -20.73 12.55
C TYR B 489 -20.18 -20.44 11.48
N PHE B 490 -20.55 -19.18 11.37
CA PHE B 490 -21.42 -18.73 10.29
C PHE B 490 -20.70 -18.92 8.96
N PRO B 491 -21.31 -19.60 7.99
CA PRO B 491 -20.57 -19.91 6.75
C PRO B 491 -20.06 -18.67 6.02
N LEU B 492 -20.79 -17.57 6.05
CA LEU B 492 -20.42 -16.37 5.33
C LEU B 492 -19.65 -15.42 6.23
N GLN B 493 -18.95 -14.47 5.61
CA GLN B 493 -18.21 -13.47 6.36
C GLN B 493 -18.10 -12.21 5.50
N SER B 494 -18.02 -11.06 6.16
CA SER B 494 -18.06 -9.77 5.50
C SER B 494 -16.68 -9.28 5.14
N TYR B 495 -16.55 -8.71 3.94
CA TYR B 495 -15.26 -8.22 3.48
C TYR B 495 -14.77 -7.05 4.33
N GLY B 496 -15.64 -6.09 4.59
CA GLY B 496 -15.24 -4.89 5.31
C GLY B 496 -14.35 -3.98 4.49
N PHE B 497 -14.91 -3.39 3.43
CA PHE B 497 -14.16 -2.51 2.55
C PHE B 497 -14.22 -1.08 3.06
N GLN B 498 -13.06 -0.44 3.18
CA GLN B 498 -12.97 0.96 3.54
C GLN B 498 -12.00 1.67 2.62
N PRO B 499 -12.17 2.98 2.41
CA PRO B 499 -11.29 3.69 1.48
C PRO B 499 -9.82 3.61 1.84
N THR B 500 -9.50 3.57 3.14
CA THR B 500 -8.11 3.54 3.60
C THR B 500 -7.57 2.11 3.59
N ASN B 501 -7.64 1.49 2.41
CA ASN B 501 -7.12 0.15 2.21
C ASN B 501 -6.17 0.18 1.02
N GLY B 502 -4.98 -0.38 1.19
CA GLY B 502 -4.04 -0.46 0.09
C GLY B 502 -4.53 -1.39 -1.00
N VAL B 503 -3.97 -1.21 -2.20
CA VAL B 503 -4.33 -2.07 -3.32
C VAL B 503 -4.15 -3.51 -2.90
N GLY B 504 -5.16 -4.34 -3.18
CA GLY B 504 -5.22 -5.71 -2.73
C GLY B 504 -6.33 -5.96 -1.73
N TYR B 505 -6.81 -4.91 -1.07
CA TYR B 505 -7.95 -4.98 -0.17
C TYR B 505 -9.11 -4.12 -0.63
N GLN B 506 -8.93 -3.30 -1.66
CA GLN B 506 -10.02 -2.47 -2.16
C GLN B 506 -11.02 -3.31 -2.94
N PRO B 507 -12.28 -2.87 -3.02
CA PRO B 507 -13.29 -3.65 -3.75
C PRO B 507 -13.10 -3.53 -5.25
N TYR B 508 -13.05 -4.67 -5.93
CA TYR B 508 -12.94 -4.74 -7.38
C TYR B 508 -14.20 -5.37 -7.95
N ARG B 509 -14.82 -4.69 -8.91
CA ARG B 509 -16.00 -5.21 -9.57
C ARG B 509 -15.57 -6.09 -10.73
N VAL B 510 -16.13 -7.29 -10.82
CA VAL B 510 -15.72 -8.30 -11.78
C VAL B 510 -16.94 -8.77 -12.56
N VAL B 511 -16.76 -8.91 -13.87
CA VAL B 511 -17.79 -9.41 -14.77
C VAL B 511 -17.15 -10.48 -15.66
N VAL B 512 -17.84 -11.61 -15.80
CA VAL B 512 -17.37 -12.73 -16.60
C VAL B 512 -18.38 -12.96 -17.72
N LEU B 513 -17.89 -12.87 -18.96
CA LEU B 513 -18.72 -13.12 -20.13
C LEU B 513 -18.35 -14.51 -20.66
N SER B 514 -19.17 -15.50 -20.34
CA SER B 514 -18.95 -16.88 -20.73
C SER B 514 -19.67 -17.13 -22.05
N PHE B 515 -18.93 -17.10 -23.14
CA PHE B 515 -19.51 -17.36 -24.46
C PHE B 515 -19.78 -18.86 -24.59
N GLU B 516 -20.23 -19.27 -25.77
CA GLU B 516 -20.47 -20.69 -26.04
C GLU B 516 -20.56 -20.88 -27.54
N LEU B 517 -19.61 -21.62 -28.11
CA LEU B 517 -19.60 -21.88 -29.54
C LEU B 517 -20.34 -23.17 -29.87
N LEU B 518 -21.56 -23.28 -29.36
CA LEU B 518 -22.38 -24.46 -29.61
C LEU B 518 -22.91 -24.45 -31.04
N HIS B 519 -23.05 -25.64 -31.61
CA HIS B 519 -23.52 -25.79 -32.99
C HIS B 519 -25.04 -25.65 -33.02
N ALA B 520 -25.49 -24.42 -32.77
CA ALA B 520 -26.90 -24.06 -32.79
C ALA B 520 -27.06 -22.74 -33.50
N PRO B 521 -28.26 -22.44 -34.00
CA PRO B 521 -28.47 -21.16 -34.70
C PRO B 521 -27.98 -19.97 -33.90
N ALA B 522 -26.97 -19.28 -34.42
CA ALA B 522 -26.42 -18.13 -33.72
C ALA B 522 -27.50 -17.07 -33.49
N THR B 523 -27.52 -16.54 -32.28
CA THR B 523 -28.45 -15.48 -31.91
C THR B 523 -27.76 -14.15 -31.64
N VAL B 524 -26.69 -14.14 -30.87
CA VAL B 524 -25.88 -12.95 -30.65
C VAL B 524 -24.73 -12.97 -31.63
N CYS B 525 -24.53 -11.85 -32.33
CA CYS B 525 -23.55 -11.81 -33.41
C CYS B 525 -22.90 -10.44 -33.44
N GLY B 526 -21.70 -10.39 -33.99
CA GLY B 526 -20.96 -9.16 -34.09
C GLY B 526 -21.44 -8.29 -35.24
N PRO B 527 -21.18 -6.99 -35.18
CA PRO B 527 -21.63 -6.08 -36.23
C PRO B 527 -20.68 -6.08 -37.42
N LYS B 528 -21.11 -6.69 -38.53
CA LYS B 528 -20.33 -6.70 -39.76
C LYS B 528 -21.09 -6.09 -40.92
N LYS B 529 -22.34 -6.49 -41.14
CA LYS B 529 -23.11 -6.02 -42.28
C LYS B 529 -24.59 -6.40 -42.13
N GLN C 25 23.52 20.97 1.36
CA GLN C 25 23.09 21.61 2.63
C GLN C 25 21.92 22.56 2.38
N VAL C 26 20.70 22.02 2.42
CA VAL C 26 19.52 22.83 2.19
C VAL C 26 19.43 23.93 3.24
N GLN C 27 19.11 25.14 2.81
CA GLN C 27 18.99 26.27 3.71
C GLN C 27 18.02 27.28 3.11
N LEU C 28 17.02 27.67 3.90
CA LEU C 28 16.01 28.64 3.48
C LEU C 28 16.00 29.81 4.46
N VAL C 29 15.98 31.02 3.92
CA VAL C 29 15.93 32.23 4.73
C VAL C 29 14.83 33.13 4.17
N GLU C 30 14.34 34.04 5.00
CA GLU C 30 13.31 34.97 4.58
C GLU C 30 13.62 36.36 5.14
N SER C 31 13.53 37.37 4.28
CA SER C 31 13.76 38.75 4.73
C SER C 31 12.74 39.17 5.76
N GLY C 32 11.47 38.84 5.54
CA GLY C 32 10.43 39.17 6.48
C GLY C 32 10.05 40.64 6.46
N GLY C 33 9.28 41.03 7.48
CA GLY C 33 8.82 42.39 7.61
C GLY C 33 8.50 42.70 9.05
N GLY C 34 8.27 43.99 9.31
CA GLY C 34 8.01 44.45 10.66
C GLY C 34 6.59 44.93 10.87
N VAL C 35 6.43 46.20 11.23
CA VAL C 35 5.13 46.77 11.55
C VAL C 35 4.52 47.36 10.29
N VAL C 36 3.23 47.11 10.10
CA VAL C 36 2.48 47.64 8.96
C VAL C 36 1.12 48.10 9.46
N GLN C 37 0.69 49.27 8.99
CA GLN C 37 -0.63 49.77 9.36
C GLN C 37 -1.71 48.92 8.69
N PRO C 38 -2.90 48.84 9.30
CA PRO C 38 -3.98 48.06 8.68
C PRO C 38 -4.34 48.62 7.30
N GLY C 39 -4.68 47.72 6.40
CA GLY C 39 -5.11 48.10 5.06
C GLY C 39 -3.99 48.39 4.08
N ARG C 40 -2.73 48.30 4.51
CA ARG C 40 -1.61 48.56 3.62
C ARG C 40 -1.17 47.26 2.96
N SER C 41 0.00 47.27 2.33
CA SER C 41 0.54 46.10 1.65
C SER C 41 1.97 45.85 2.13
N LEU C 42 2.40 44.60 2.00
CA LEU C 42 3.72 44.19 2.44
C LEU C 42 4.30 43.18 1.46
N ARG C 43 5.63 43.05 1.48
CA ARG C 43 6.34 42.14 0.59
C ARG C 43 7.29 41.29 1.42
N LEU C 44 7.26 39.98 1.20
CA LEU C 44 8.15 39.04 1.87
C LEU C 44 8.91 38.24 0.82
N SER C 45 10.20 38.05 1.04
CA SER C 45 11.06 37.33 0.11
C SER C 45 11.74 36.18 0.83
N CYS C 46 11.67 35.00 0.23
CA CYS C 46 12.33 33.81 0.75
C CYS C 46 13.32 33.30 -0.29
N ALA C 47 14.56 33.10 0.15
CA ALA C 47 15.64 32.60 -0.68
C ALA C 47 16.06 31.21 -0.20
N ALA C 48 16.46 30.38 -1.15
CA ALA C 48 16.83 29.00 -0.87
C ALA C 48 18.18 28.70 -1.48
N SER C 49 18.91 27.77 -0.85
CA SER C 49 20.21 27.36 -1.34
C SER C 49 20.47 25.91 -0.93
N GLY C 50 21.37 25.26 -1.66
CA GLY C 50 21.75 23.89 -1.38
C GLY C 50 21.02 22.84 -2.18
N PHE C 51 20.12 23.23 -3.07
CA PHE C 51 19.38 22.28 -3.88
C PHE C 51 18.86 22.98 -5.12
N THR C 52 18.38 22.20 -6.07
CA THR C 52 17.79 22.72 -7.30
C THR C 52 16.47 23.41 -6.95
N PHE C 53 16.48 24.74 -6.92
CA PHE C 53 15.31 25.46 -6.45
C PHE C 53 14.10 25.20 -7.33
N SER C 54 14.29 25.19 -8.65
CA SER C 54 13.17 24.99 -9.55
C SER C 54 12.88 23.50 -9.72
N ASP C 55 12.78 22.80 -8.59
CA ASP C 55 12.39 21.39 -8.61
C ASP C 55 11.43 21.01 -7.48
N TYR C 56 11.22 21.88 -6.50
CA TYR C 56 10.39 21.56 -5.34
C TYR C 56 9.38 22.67 -5.11
N ALA C 57 8.15 22.27 -4.76
CA ALA C 57 7.13 23.25 -4.43
C ALA C 57 7.52 24.00 -3.15
N ILE C 58 6.75 25.04 -2.84
CA ILE C 58 7.00 25.86 -1.66
C ILE C 58 5.68 26.17 -0.97
N HIS C 59 5.69 26.14 0.35
CA HIS C 59 4.53 26.47 1.18
C HIS C 59 4.86 27.69 2.03
N TRP C 60 3.88 28.59 2.15
CA TRP C 60 3.91 29.65 3.14
C TRP C 60 2.91 29.29 4.22
N VAL C 61 3.40 29.13 5.44
CA VAL C 61 2.59 28.74 6.58
C VAL C 61 2.63 29.86 7.61
N ARG C 62 1.56 29.96 8.40
CA ARG C 62 1.40 31.04 9.36
C ARG C 62 1.09 30.48 10.72
N GLN C 63 1.54 31.18 11.76
CA GLN C 63 1.23 30.85 13.14
C GLN C 63 0.95 32.15 13.89
N ALA C 64 -0.29 32.38 14.26
CA ALA C 64 -0.60 33.54 15.07
C ALA C 64 -0.27 33.26 16.53
N PRO C 65 0.06 34.28 17.31
CA PRO C 65 0.35 34.04 18.74
C PRO C 65 -0.82 33.36 19.43
N GLY C 66 -0.50 32.34 20.23
CA GLY C 66 -1.53 31.64 20.97
C GLY C 66 -2.49 30.82 20.13
N ARG C 67 -2.10 30.46 18.91
CA ARG C 67 -2.95 29.66 18.04
C ARG C 67 -2.07 28.68 17.25
N GLY C 68 -2.72 27.65 16.72
CA GLY C 68 -2.02 26.63 15.99
C GLY C 68 -1.59 27.08 14.60
N LEU C 69 -0.70 26.29 14.01
CA LEU C 69 -0.21 26.55 12.66
C LEU C 69 -1.32 26.33 11.64
N GLU C 70 -1.22 27.04 10.52
CA GLU C 70 -2.19 26.90 9.44
C GLU C 70 -1.57 27.37 8.12
N PRO C 71 -1.62 26.58 7.06
CA PRO C 71 -1.05 27.03 5.78
C PRO C 71 -1.77 28.27 5.28
N VAL C 72 -1.01 29.12 4.59
CA VAL C 72 -1.57 30.33 3.99
C VAL C 72 -1.37 30.40 2.49
N ALA C 73 -0.37 29.71 1.92
CA ALA C 73 -0.22 29.74 0.47
C ALA C 73 0.64 28.57 0.02
N LEU C 74 0.51 28.23 -1.26
CA LEU C 74 1.29 27.16 -1.86
C LEU C 74 1.56 27.49 -3.32
N ILE C 75 2.83 27.36 -3.73
CA ILE C 75 3.24 27.62 -5.10
C ILE C 75 4.00 26.40 -5.61
N SER C 76 3.68 25.98 -6.83
CA SER C 76 4.31 24.79 -7.41
C SER C 76 5.73 25.12 -7.85
N TYR C 77 6.37 24.15 -8.49
CA TYR C 77 7.77 24.30 -8.87
C TYR C 77 7.96 25.41 -9.90
N ASP C 78 7.11 25.45 -10.92
CA ASP C 78 7.27 26.42 -12.00
C ASP C 78 6.45 27.69 -11.79
N GLY C 79 5.60 27.73 -10.76
CA GLY C 79 4.78 28.90 -10.53
C GLY C 79 3.52 28.96 -11.35
N ASN C 80 3.26 27.98 -12.22
CA ASN C 80 2.03 27.99 -13.00
C ASN C 80 0.81 27.86 -12.10
N ASN C 81 0.89 27.02 -11.08
CA ASN C 81 -0.22 26.75 -10.18
C ASN C 81 -0.05 27.51 -8.87
N LYS C 82 -1.15 28.05 -8.36
CA LYS C 82 -1.18 28.76 -7.10
C LYS C 82 -2.34 28.23 -6.26
N TYR C 83 -2.15 28.22 -4.95
CA TYR C 83 -3.21 27.82 -4.04
C TYR C 83 -3.16 28.67 -2.79
N TYR C 84 -4.34 29.03 -2.28
CA TYR C 84 -4.44 29.89 -1.10
C TYR C 84 -5.48 29.33 -0.16
N ALA C 85 -5.33 29.65 1.12
CA ALA C 85 -6.32 29.28 2.11
C ALA C 85 -7.59 30.08 1.92
N ASP C 86 -8.74 29.44 2.15
CA ASP C 86 -10.02 30.10 1.92
C ASP C 86 -10.12 31.40 2.72
N SER C 87 -9.48 31.47 3.89
CA SER C 87 -9.55 32.64 4.74
C SER C 87 -8.60 33.75 4.31
N VAL C 88 -7.74 33.50 3.33
CA VAL C 88 -6.72 34.47 2.93
C VAL C 88 -6.76 34.66 1.41
N LYS C 89 -7.45 33.76 0.72
CA LYS C 89 -7.50 33.84 -0.74
C LYS C 89 -8.13 35.14 -1.19
N GLY C 90 -7.63 35.66 -2.31
CA GLY C 90 -8.14 36.88 -2.90
C GLY C 90 -7.41 38.14 -2.48
N ARG C 91 -6.46 38.06 -1.55
CA ARG C 91 -5.68 39.21 -1.14
C ARG C 91 -4.18 38.93 -1.04
N PHE C 92 -3.76 37.68 -1.06
CA PHE C 92 -2.35 37.32 -1.04
C PHE C 92 -1.94 36.81 -2.41
N THR C 93 -0.79 37.27 -2.90
CA THR C 93 -0.23 36.80 -4.16
C THR C 93 1.12 36.16 -3.91
N ILE C 94 1.44 35.13 -4.69
CA ILE C 94 2.68 34.40 -4.54
C ILE C 94 3.32 34.24 -5.92
N SER C 95 4.63 34.45 -5.98
CA SER C 95 5.37 34.29 -7.23
C SER C 95 6.75 33.74 -6.91
N ARG C 96 7.43 33.24 -7.93
CA ARG C 96 8.77 32.71 -7.77
C ARG C 96 9.61 33.04 -9.00
N ASP C 97 10.84 33.48 -8.76
CA ASP C 97 11.82 33.76 -9.79
C ASP C 97 12.90 32.68 -9.68
N ASN C 98 12.88 31.73 -10.61
CA ASN C 98 13.84 30.63 -10.56
C ASN C 98 15.23 31.08 -10.95
N SER C 99 15.34 32.00 -11.91
CA SER C 99 16.66 32.46 -12.35
C SER C 99 17.45 33.02 -11.18
N LYS C 100 16.84 33.94 -10.43
CA LYS C 100 17.48 34.50 -9.24
C LYS C 100 17.38 33.59 -8.03
N ASN C 101 16.60 32.50 -8.12
CA ASN C 101 16.48 31.54 -7.02
C ASN C 101 15.87 32.19 -5.79
N VAL C 102 14.71 32.81 -5.97
CA VAL C 102 14.01 33.51 -4.90
C VAL C 102 12.51 33.34 -5.12
N LEU C 103 11.74 33.61 -4.06
CA LEU C 103 10.29 33.63 -4.18
C LEU C 103 9.73 34.77 -3.34
N TYR C 104 8.58 35.27 -3.74
CA TYR C 104 8.00 36.46 -3.17
C TYR C 104 6.53 36.23 -2.82
N LEU C 105 6.11 36.86 -1.72
CA LEU C 105 4.72 36.85 -1.27
C LEU C 105 4.30 38.29 -1.04
N GLN C 106 3.26 38.73 -1.75
CA GLN C 106 2.72 40.08 -1.62
C GLN C 106 1.41 40.02 -0.86
N MET C 107 1.28 40.89 0.15
CA MET C 107 0.08 40.98 0.97
C MET C 107 -0.57 42.33 0.75
N ASN C 108 -1.89 42.34 0.61
CA ASN C 108 -2.67 43.53 0.36
C ASN C 108 -3.80 43.64 1.37
N SER C 109 -4.08 44.86 1.81
CA SER C 109 -5.17 45.13 2.75
C SER C 109 -4.98 44.32 4.03
N LEU C 110 -3.84 44.52 4.67
CA LEU C 110 -3.53 43.80 5.91
C LEU C 110 -4.55 44.14 6.98
N ARG C 111 -5.04 43.11 7.66
CA ARG C 111 -6.00 43.26 8.75
C ARG C 111 -5.38 42.78 10.04
N ALA C 112 -5.95 43.23 11.16
CA ALA C 112 -5.37 42.95 12.46
C ALA C 112 -5.18 41.45 12.69
N ASP C 113 -6.05 40.63 12.10
CA ASP C 113 -5.96 39.19 12.27
C ASP C 113 -4.75 38.59 11.57
N ASP C 114 -4.07 39.34 10.70
CA ASP C 114 -2.96 38.81 9.94
C ASP C 114 -1.63 38.85 10.69
N THR C 115 -1.58 39.48 11.86
CA THR C 115 -0.35 39.50 12.63
C THR C 115 0.03 38.08 13.05
N ALA C 116 1.22 37.65 12.67
CA ALA C 116 1.65 36.28 12.94
C ALA C 116 3.08 36.04 12.50
N VAL C 117 3.59 34.84 12.73
CA VAL C 117 4.91 34.43 12.27
C VAL C 117 4.74 33.58 11.02
N TYR C 118 5.47 33.95 9.96
CA TYR C 118 5.39 33.28 8.67
C TYR C 118 6.64 32.44 8.44
N TYR C 119 6.42 31.23 7.93
CA TYR C 119 7.46 30.30 7.54
C TYR C 119 7.35 30.00 6.06
N CYS C 120 8.48 30.03 5.36
CA CYS C 120 8.56 29.61 3.96
C CYS C 120 9.23 28.25 3.93
N ALA C 121 8.42 27.19 3.93
CA ALA C 121 8.91 25.82 4.02
C ALA C 121 8.92 25.16 2.65
N ARG C 122 9.74 24.12 2.54
CA ARG C 122 9.88 23.34 1.33
C ARG C 122 9.00 22.10 1.39
N ASP C 123 8.60 21.61 0.24
CA ASP C 123 7.73 20.45 0.13
C ASP C 123 8.54 19.24 -0.29
N ALA C 124 8.26 18.10 0.36
CA ALA C 124 8.98 16.87 0.05
C ALA C 124 8.73 16.42 -1.38
N GLU C 125 7.67 16.90 -2.02
CA GLU C 125 7.33 16.48 -3.37
C GLU C 125 7.20 14.96 -3.43
N GLY C 126 8.16 14.29 -4.07
CA GLY C 126 8.08 12.87 -4.26
C GLY C 126 8.89 12.08 -3.25
N GLY C 127 9.32 12.73 -2.17
CA GLY C 127 10.06 12.06 -1.13
C GLY C 127 9.15 11.62 0.00
N TRP C 128 9.17 12.35 1.11
CA TRP C 128 8.23 12.11 2.20
C TRP C 128 6.88 12.69 1.80
N VAL C 129 6.05 11.88 1.15
CA VAL C 129 4.82 12.38 0.55
C VAL C 129 4.01 13.17 1.56
N ALA C 130 3.48 14.30 1.12
CA ALA C 130 2.64 15.15 1.96
C ALA C 130 3.35 15.55 3.25
N ALA C 131 4.62 15.91 3.14
CA ALA C 131 5.40 16.35 4.28
C ALA C 131 6.23 17.55 3.90
N LEU C 132 6.55 18.38 4.89
CA LEU C 132 7.36 19.58 4.72
C LEU C 132 8.74 19.27 5.33
N ASP C 133 9.73 19.06 4.47
CA ASP C 133 11.02 18.58 4.93
C ASP C 133 11.73 19.63 5.78
N TYR C 134 12.06 20.77 5.18
CA TYR C 134 12.90 21.78 5.81
C TYR C 134 12.16 23.10 5.88
N TRP C 135 12.27 23.76 7.03
CA TRP C 135 11.59 25.02 7.31
C TRP C 135 12.61 26.11 7.57
N GLY C 136 12.27 27.33 7.16
CA GLY C 136 13.09 28.47 7.46
C GLY C 136 12.93 28.92 8.90
N GLN C 137 13.75 29.90 9.27
CA GLN C 137 13.68 30.43 10.64
C GLN C 137 12.33 31.09 10.89
N GLY C 138 11.78 31.76 9.89
CA GLY C 138 10.51 32.44 10.03
C GLY C 138 10.69 33.91 10.38
N THR C 139 9.63 34.68 10.14
CA THR C 139 9.65 36.11 10.41
C THR C 139 8.31 36.55 10.97
N LEU C 140 8.34 37.42 11.98
CA LEU C 140 7.13 37.90 12.60
C LEU C 140 6.66 39.19 11.92
N VAL C 141 5.36 39.30 11.72
CA VAL C 141 4.74 40.48 11.13
C VAL C 141 3.62 40.93 12.04
N THR C 142 3.63 42.21 12.41
CA THR C 142 2.65 42.79 13.32
C THR C 142 1.90 43.91 12.62
N VAL C 143 0.62 44.05 12.94
CA VAL C 143 -0.22 45.07 12.34
C VAL C 143 -0.27 46.29 13.25
N SER D 26 -11.09 24.32 8.36
CA SER D 26 -11.44 22.93 8.60
C SER D 26 -10.27 22.20 9.29
N ALA D 27 -9.61 22.90 10.21
CA ALA D 27 -8.49 22.31 10.92
C ALA D 27 -8.93 21.07 11.70
N LEU D 28 -8.10 20.03 11.65
CA LEU D 28 -8.41 18.81 12.38
C LEU D 28 -8.39 19.08 13.88
N THR D 29 -9.25 18.38 14.60
CA THR D 29 -9.35 18.54 16.05
C THR D 29 -8.26 17.74 16.75
N GLN D 30 -7.64 18.37 17.75
CA GLN D 30 -6.58 17.75 18.53
C GLN D 30 -6.80 18.05 20.00
N PRO D 31 -6.36 17.18 20.90
CA PRO D 31 -6.38 17.51 22.33
C PRO D 31 -5.54 18.74 22.61
N ARG D 32 -6.01 19.57 23.55
CA ARG D 32 -5.28 20.79 23.88
C ARG D 32 -3.92 20.46 24.49
N SER D 33 -3.89 19.59 25.49
CA SER D 33 -2.64 19.27 26.16
C SER D 33 -2.72 17.86 26.73
N VAL D 34 -1.54 17.24 26.88
CA VAL D 34 -1.41 15.93 27.49
C VAL D 34 -0.24 15.97 28.46
N SER D 35 -0.26 15.06 29.43
CA SER D 35 0.75 15.02 30.49
C SER D 35 1.14 13.58 30.77
N GLY D 36 2.30 13.44 31.40
CA GLY D 36 2.81 12.13 31.77
C GLY D 36 4.19 12.18 32.37
N SER D 37 4.46 11.34 33.37
CA SER D 37 5.76 11.31 33.98
C SER D 37 6.78 10.69 33.03
N PRO D 38 8.06 11.01 33.18
CA PRO D 38 9.06 10.44 32.26
C PRO D 38 9.07 8.93 32.32
N GLY D 39 9.26 8.31 31.15
CA GLY D 39 9.26 6.87 31.04
C GLY D 39 7.91 6.33 30.60
N GLN D 40 6.83 6.91 31.12
CA GLN D 40 5.49 6.47 30.75
C GLN D 40 5.17 6.89 29.32
N SER D 41 4.40 6.04 28.63
CA SER D 41 4.00 6.35 27.26
C SER D 41 2.88 7.39 27.26
N VAL D 42 2.80 8.15 26.17
CA VAL D 42 1.77 9.17 25.99
C VAL D 42 1.22 9.05 24.58
N THR D 43 -0.03 9.47 24.40
CA THR D 43 -0.71 9.39 23.13
C THR D 43 -1.41 10.72 22.82
N ILE D 44 -1.44 11.06 21.54
CA ILE D 44 -2.09 12.26 21.04
C ILE D 44 -3.01 11.87 19.90
N SER D 45 -4.23 12.38 19.89
CA SER D 45 -5.24 12.04 18.91
C SER D 45 -5.45 13.17 17.91
N CYS D 46 -5.95 12.81 16.74
CA CYS D 46 -6.19 13.77 15.67
C CYS D 46 -7.40 13.28 14.87
N THR D 47 -8.50 14.01 14.97
CA THR D 47 -9.77 13.59 14.36
C THR D 47 -10.08 14.46 13.15
N GLY D 48 -10.62 13.85 12.11
CA GLY D 48 -11.00 14.56 10.91
C GLY D 48 -12.33 14.11 10.35
N THR D 49 -12.43 13.99 9.03
CA THR D 49 -13.66 13.57 8.36
C THR D 49 -13.28 12.78 7.12
N SER D 50 -14.23 12.60 6.21
CA SER D 50 -14.02 11.72 5.06
C SER D 50 -12.86 12.18 4.20
N SER D 51 -12.85 13.45 3.80
CA SER D 51 -11.80 13.98 2.93
C SER D 51 -10.60 14.46 3.74
N ASP D 52 -10.15 13.60 4.65
CA ASP D 52 -9.08 13.90 5.61
C ASP D 52 -8.40 12.58 5.95
N VAL D 53 -7.72 12.55 7.09
CA VAL D 53 -7.07 11.33 7.58
C VAL D 53 -7.97 10.13 7.36
N GLY D 54 -9.28 10.33 7.48
CA GLY D 54 -10.22 9.25 7.23
C GLY D 54 -10.25 8.79 5.78
N GLY D 55 -9.76 9.61 4.86
CA GLY D 55 -9.70 9.24 3.46
C GLY D 55 -8.31 8.80 3.05
N TYR D 56 -7.56 9.70 2.41
CA TYR D 56 -6.21 9.38 2.00
C TYR D 56 -5.34 9.12 3.23
N ASN D 57 -4.42 8.16 3.11
CA ASN D 57 -3.51 7.83 4.20
C ASN D 57 -2.19 8.56 4.00
N TYR D 58 -2.24 9.87 4.22
CA TYR D 58 -1.08 10.75 4.09
C TYR D 58 -0.99 11.68 5.29
N VAL D 59 -1.18 11.13 6.48
CA VAL D 59 -1.10 11.91 7.70
C VAL D 59 0.37 12.11 8.06
N SER D 60 0.64 13.18 8.80
CA SER D 60 1.99 13.48 9.24
C SER D 60 1.94 14.21 10.58
N TRP D 61 2.99 14.02 11.37
CA TRP D 61 3.12 14.64 12.69
C TRP D 61 4.44 15.38 12.76
N TYR D 62 4.37 16.66 13.11
CA TYR D 62 5.52 17.52 13.27
C TYR D 62 5.65 17.93 14.73
N GLN D 63 6.82 18.44 15.09
CA GLN D 63 7.02 19.08 16.39
C GLN D 63 7.55 20.48 16.17
N HIS D 64 7.12 21.41 17.03
CA HIS D 64 7.49 22.82 16.90
C HIS D 64 8.03 23.30 18.24
N HIS D 65 9.32 23.11 18.46
CA HIS D 65 9.94 23.62 19.67
C HIS D 65 9.85 25.14 19.69
N PRO D 66 9.64 25.75 20.85
CA PRO D 66 9.57 27.22 20.89
C PRO D 66 10.85 27.86 20.35
N GLY D 67 10.67 28.89 19.55
CA GLY D 67 11.81 29.59 18.97
C GLY D 67 12.71 28.70 18.14
N LYS D 68 12.13 27.78 17.37
CA LYS D 68 12.90 26.87 16.55
C LYS D 68 12.08 26.47 15.34
N ALA D 69 12.77 25.99 14.31
CA ALA D 69 12.11 25.58 13.09
C ALA D 69 11.46 24.22 13.29
N PRO D 70 10.16 24.07 13.04
CA PRO D 70 9.53 22.76 13.17
C PRO D 70 10.17 21.73 12.25
N LYS D 71 10.26 20.49 12.72
CA LYS D 71 10.82 19.40 11.96
C LYS D 71 9.84 18.25 11.93
N VAL D 72 9.80 17.56 10.78
CA VAL D 72 8.89 16.43 10.63
C VAL D 72 9.36 15.27 11.50
N MET D 73 8.42 14.67 12.22
CA MET D 73 8.69 13.50 13.05
C MET D 73 8.09 12.22 12.50
N ILE D 74 6.90 12.28 11.91
CA ILE D 74 6.29 11.13 11.26
C ILE D 74 5.66 11.58 9.96
N TYR D 75 5.83 10.79 8.91
CA TYR D 75 5.24 11.07 7.61
C TYR D 75 4.59 9.81 7.07
N GLU D 76 3.58 10.01 6.23
CA GLU D 76 2.84 8.89 5.63
C GLU D 76 2.26 7.99 6.71
N VAL D 77 1.63 8.61 7.72
CA VAL D 77 0.93 7.91 8.78
C VAL D 77 1.90 7.28 9.76
N SER D 78 2.64 6.28 9.30
CA SER D 78 3.49 5.46 10.18
C SER D 78 4.97 5.64 9.95
N LYS D 79 5.41 5.85 8.71
CA LYS D 79 6.83 5.95 8.42
C LYS D 79 7.47 7.04 9.26
N ARG D 80 8.79 6.98 9.38
CA ARG D 80 9.57 7.91 10.17
C ARG D 80 10.72 8.47 9.35
N PRO D 81 11.10 9.73 9.57
CA PRO D 81 12.29 10.26 8.89
C PRO D 81 13.56 9.60 9.37
N SER D 82 14.70 10.02 8.82
CA SER D 82 15.99 9.49 9.21
C SER D 82 16.55 10.29 10.37
N GLY D 83 17.00 9.60 11.41
CA GLY D 83 17.58 10.22 12.58
C GLY D 83 16.62 10.41 13.74
N VAL D 84 15.32 10.36 13.48
CA VAL D 84 14.34 10.48 14.57
C VAL D 84 14.42 9.24 15.45
N PRO D 85 14.26 9.36 16.77
CA PRO D 85 14.31 8.16 17.61
C PRO D 85 13.18 7.20 17.27
N ASP D 86 13.44 5.92 17.51
CA ASP D 86 12.41 4.88 17.29
C ASP D 86 11.28 4.97 18.30
N ARG D 87 11.41 5.79 19.33
CA ARG D 87 10.36 5.89 20.34
C ARG D 87 9.05 6.33 19.72
N PHE D 88 9.09 7.29 18.79
CA PHE D 88 7.87 7.80 18.18
C PHE D 88 7.22 6.74 17.30
N SER D 89 5.89 6.68 17.35
CA SER D 89 5.13 5.76 16.51
C SER D 89 3.82 6.41 16.13
N GLY D 90 3.29 6.00 14.99
CA GLY D 90 2.04 6.56 14.49
C GLY D 90 1.12 5.47 13.98
N SER D 91 -0.18 5.74 14.10
CA SER D 91 -1.19 4.81 13.63
C SER D 91 -2.41 5.61 13.19
N LYS D 92 -3.28 4.96 12.43
CA LYS D 92 -4.50 5.59 11.92
C LYS D 92 -5.61 4.56 11.88
N SER D 93 -6.69 4.81 12.62
CA SER D 93 -7.84 3.93 12.66
C SER D 93 -9.08 4.72 12.28
N GLY D 94 -9.85 4.20 11.32
CA GLY D 94 -11.05 4.87 10.89
C GLY D 94 -10.80 6.28 10.41
N THR D 95 -11.24 7.26 11.18
CA THR D 95 -11.08 8.67 10.84
C THR D 95 -10.17 9.40 11.82
N THR D 96 -9.48 8.69 12.69
CA THR D 96 -8.64 9.30 13.72
C THR D 96 -7.23 8.75 13.63
N ALA D 97 -6.25 9.65 13.64
CA ALA D 97 -4.85 9.29 13.73
C ALA D 97 -4.38 9.43 15.18
N SER D 98 -3.36 8.66 15.53
CA SER D 98 -2.83 8.65 16.89
C SER D 98 -1.31 8.58 16.84
N LEU D 99 -0.67 9.49 17.56
CA LEU D 99 0.78 9.52 17.71
C LEU D 99 1.13 9.10 19.13
N THR D 100 1.91 8.04 19.26
CA THR D 100 2.29 7.50 20.56
C THR D 100 3.80 7.65 20.75
N ILE D 101 4.19 8.22 21.89
CA ILE D 101 5.59 8.41 22.23
C ILE D 101 5.88 7.65 23.50
N SER D 102 6.97 6.88 23.49
CA SER D 102 7.35 6.04 24.61
C SER D 102 8.64 6.54 25.23
N GLY D 103 8.68 6.60 26.55
CA GLY D 103 9.87 7.06 27.24
C GLY D 103 10.13 8.53 27.03
N LEU D 104 9.26 9.38 27.58
CA LEU D 104 9.41 10.81 27.40
C LEU D 104 10.71 11.31 28.02
N GLN D 105 11.08 12.53 27.65
CA GLN D 105 12.26 13.18 28.20
C GLN D 105 12.02 14.69 28.18
N ALA D 106 12.91 15.41 28.86
CA ALA D 106 12.80 16.86 28.88
C ALA D 106 12.87 17.45 27.48
N GLU D 107 13.49 16.73 26.54
CA GLU D 107 13.59 17.21 25.16
C GLU D 107 12.27 17.17 24.42
N ASP D 108 11.25 16.52 24.98
CA ASP D 108 9.95 16.40 24.32
C ASP D 108 8.98 17.51 24.72
N GLU D 109 9.43 18.48 25.52
CA GLU D 109 8.58 19.60 25.93
C GLU D 109 8.42 20.54 24.75
N ALA D 110 7.52 20.16 23.84
CA ALA D 110 7.25 20.97 22.66
C ALA D 110 5.97 20.46 22.01
N ASP D 111 5.21 21.38 21.43
CA ASP D 111 3.92 21.02 20.85
C ASP D 111 4.10 20.21 19.58
N TYR D 112 3.12 19.34 19.32
CA TYR D 112 3.09 18.49 18.15
C TYR D 112 1.88 18.86 17.30
N TYR D 113 2.02 18.69 15.99
CA TYR D 113 1.04 19.17 15.04
C TYR D 113 0.69 18.07 14.05
N CYS D 114 -0.61 17.96 13.78
CA CYS D 114 -1.17 16.94 12.90
C CYS D 114 -1.53 17.57 11.57
N CYS D 115 -0.97 17.04 10.48
CA CYS D 115 -1.20 17.53 9.14
C CYS D 115 -1.75 16.42 8.26
N SER D 116 -2.74 16.76 7.43
CA SER D 116 -3.35 15.80 6.53
C SER D 116 -3.55 16.44 5.17
N TYR D 117 -3.63 15.61 4.15
CA TYR D 117 -3.81 16.05 2.77
C TYR D 117 -5.25 15.75 2.37
N ALA D 118 -6.02 16.81 2.14
CA ALA D 118 -7.39 16.68 1.65
C ALA D 118 -7.36 16.63 0.12
N GLY D 119 -8.53 16.74 -0.50
CA GLY D 119 -8.57 16.74 -1.96
C GLY D 119 -7.74 17.86 -2.56
N THR D 120 -7.89 19.06 -2.02
CA THR D 120 -7.10 20.19 -2.46
C THR D 120 -5.69 20.11 -1.88
N TYR D 121 -4.77 20.87 -2.46
CA TYR D 121 -3.38 20.82 -2.06
C TYR D 121 -3.14 21.54 -0.74
N PRO D 122 -3.67 22.76 -0.54
CA PRO D 122 -3.47 23.41 0.76
C PRO D 122 -3.84 22.49 1.90
N TYR D 123 -2.83 22.09 2.67
CA TYR D 123 -3.03 21.06 3.69
C TYR D 123 -3.86 21.60 4.84
N VAL D 124 -4.41 20.69 5.63
CA VAL D 124 -5.17 21.02 6.83
C VAL D 124 -4.38 20.55 8.03
N PHE D 125 -4.01 21.48 8.90
CA PHE D 125 -3.32 21.15 10.13
C PHE D 125 -4.31 20.92 11.26
N GLY D 126 -3.83 20.28 12.32
CA GLY D 126 -4.63 20.07 13.50
C GLY D 126 -4.64 21.28 14.41
N THR D 127 -4.40 21.06 15.70
CA THR D 127 -4.32 22.15 16.65
C THR D 127 -3.19 21.87 17.62
N GLY D 128 -2.69 22.93 18.23
CA GLY D 128 -1.57 22.82 19.15
C GLY D 128 -1.80 21.80 20.24
N THR D 129 -0.80 20.94 20.48
CA THR D 129 -0.90 19.88 21.49
C THR D 129 0.46 19.81 22.19
N LYS D 130 0.60 20.54 23.29
CA LYS D 130 1.86 20.56 24.03
C LYS D 130 1.88 19.44 25.05
N VAL D 131 2.97 18.70 25.07
CA VAL D 131 3.16 17.57 25.97
C VAL D 131 3.95 18.04 27.18
N THR D 132 3.43 17.80 28.37
CA THR D 132 4.05 18.22 29.61
C THR D 132 4.59 17.00 30.34
N VAL D 133 5.83 17.08 30.80
CA VAL D 133 6.47 16.02 31.57
C VAL D 133 6.68 16.53 32.99
N LEU D 134 6.16 15.78 33.97
CA LEU D 134 6.27 16.19 35.35
C LEU D 134 7.72 16.20 35.80
N GLY D 135 8.08 17.22 36.58
CA GLY D 135 9.44 17.34 37.09
C GLY D 135 9.47 17.85 38.52
N PHE E 329 37.37 -13.39 -28.80
CA PHE E 329 36.52 -12.26 -28.47
C PHE E 329 37.13 -10.95 -28.96
N PRO E 330 36.33 -9.89 -28.98
CA PRO E 330 36.88 -8.57 -29.33
C PRO E 330 37.85 -8.08 -28.27
N ASN E 331 38.79 -7.24 -28.71
CA ASN E 331 39.81 -6.69 -27.82
C ASN E 331 39.41 -5.35 -27.23
N ILE E 332 38.25 -4.80 -27.60
CA ILE E 332 37.83 -3.51 -27.08
C ILE E 332 37.54 -3.62 -25.59
N THR E 333 37.69 -2.50 -24.88
CA THR E 333 37.49 -2.47 -23.44
C THR E 333 36.67 -1.29 -22.94
N ASN E 334 36.42 -0.26 -23.74
CA ASN E 334 35.66 0.88 -23.27
C ASN E 334 34.30 0.45 -22.76
N LEU E 335 33.92 0.94 -21.58
CA LEU E 335 32.66 0.56 -20.98
C LEU E 335 31.49 1.22 -21.70
N CYS E 336 30.38 0.47 -21.81
CA CYS E 336 29.21 1.00 -22.46
C CYS E 336 28.56 2.08 -21.59
N PRO E 337 27.84 3.03 -22.20
CA PRO E 337 27.26 4.15 -21.46
C PRO E 337 25.90 3.84 -20.84
N PHE E 338 25.83 2.75 -20.08
CA PHE E 338 24.58 2.38 -19.42
C PHE E 338 24.18 3.39 -18.36
N GLY E 339 25.16 3.96 -17.65
CA GLY E 339 24.83 4.85 -16.55
C GLY E 339 24.05 6.06 -16.99
N GLU E 340 24.49 6.72 -18.06
CA GLU E 340 23.85 7.95 -18.50
C GLU E 340 22.50 7.71 -19.17
N VAL E 341 22.26 6.51 -19.68
CA VAL E 341 20.94 6.20 -20.23
C VAL E 341 19.97 5.76 -19.13
N PHE E 342 20.47 5.16 -18.06
CA PHE E 342 19.64 4.78 -16.94
C PHE E 342 19.49 5.89 -15.91
N ASN E 343 20.53 6.70 -15.71
CA ASN E 343 20.50 7.79 -14.75
C ASN E 343 20.15 9.12 -15.39
N ALA E 344 19.64 9.11 -16.63
CA ALA E 344 19.35 10.35 -17.32
C ALA E 344 18.37 11.21 -16.52
N THR E 345 18.62 12.51 -16.51
CA THR E 345 17.80 13.41 -15.70
C THR E 345 16.35 13.41 -16.18
N ARG E 346 16.13 13.44 -17.49
CA ARG E 346 14.79 13.54 -18.07
C ARG E 346 14.56 12.39 -19.03
N PHE E 347 13.41 11.74 -18.92
CA PHE E 347 13.00 10.68 -19.82
C PHE E 347 11.96 11.22 -20.79
N ALA E 348 12.10 10.86 -22.06
CA ALA E 348 11.16 11.33 -23.07
C ALA E 348 9.78 10.73 -22.84
N SER E 349 8.76 11.46 -23.30
CA SER E 349 7.39 10.99 -23.18
C SER E 349 7.18 9.75 -24.05
N VAL E 350 6.11 9.01 -23.76
CA VAL E 350 5.92 7.70 -24.38
C VAL E 350 5.74 7.86 -25.89
N TYR E 351 4.92 8.82 -26.32
CA TYR E 351 4.63 8.93 -27.75
C TYR E 351 5.87 9.27 -28.55
N ALA E 352 6.91 9.79 -27.91
CA ALA E 352 8.18 10.05 -28.57
C ALA E 352 9.30 9.30 -27.84
N TRP E 353 9.04 8.04 -27.52
CA TRP E 353 9.98 7.26 -26.74
C TRP E 353 11.39 7.39 -27.28
N ASN E 354 12.34 7.67 -26.39
CA ASN E 354 13.70 7.97 -26.81
C ASN E 354 14.42 6.69 -27.23
N ARG E 355 15.00 6.71 -28.41
CA ARG E 355 15.71 5.58 -28.99
C ARG E 355 17.20 5.86 -28.97
N LYS E 356 18.00 4.87 -28.58
CA LYS E 356 19.44 4.99 -28.58
C LYS E 356 20.06 3.68 -29.05
N ARG E 357 21.21 3.80 -29.72
CA ARG E 357 21.94 2.65 -30.26
C ARG E 357 23.26 2.53 -29.52
N ILE E 358 23.53 1.33 -29.00
CA ILE E 358 24.76 1.04 -28.26
C ILE E 358 25.53 -0.01 -29.03
N SER E 359 26.80 0.27 -29.28
CA SER E 359 27.68 -0.65 -30.00
C SER E 359 29.12 -0.22 -29.74
N ASN E 360 30.05 -1.14 -30.03
CA ASN E 360 31.48 -0.88 -29.90
C ASN E 360 31.82 -0.46 -28.47
N CYS E 361 31.54 -1.36 -27.54
CA CYS E 361 31.86 -1.15 -26.13
C CYS E 361 31.72 -2.49 -25.41
N VAL E 362 31.92 -2.48 -24.11
CA VAL E 362 31.81 -3.67 -23.27
C VAL E 362 30.78 -3.38 -22.20
N ALA E 363 29.71 -4.17 -22.18
CA ALA E 363 28.61 -3.99 -21.23
C ALA E 363 28.73 -4.98 -20.08
N ASP E 364 28.04 -4.67 -18.99
CA ASP E 364 28.01 -5.52 -17.80
C ASP E 364 26.59 -5.47 -17.25
N TYR E 365 25.77 -6.44 -17.67
CA TYR E 365 24.38 -6.50 -17.21
C TYR E 365 24.24 -7.08 -15.82
N SER E 366 25.31 -7.63 -15.25
CA SER E 366 25.23 -8.19 -13.91
C SER E 366 24.86 -7.12 -12.89
N VAL E 367 25.46 -5.93 -13.01
CA VAL E 367 25.16 -4.86 -12.06
C VAL E 367 23.69 -4.45 -12.18
N LEU E 368 23.18 -4.39 -13.40
CA LEU E 368 21.77 -4.02 -13.59
C LEU E 368 20.84 -5.01 -12.90
N TYR E 369 21.12 -6.31 -13.08
CA TYR E 369 20.26 -7.33 -12.48
C TYR E 369 20.38 -7.34 -10.96
N ASN E 370 21.60 -7.16 -10.45
CA ASN E 370 21.81 -7.26 -9.01
C ASN E 370 21.02 -6.20 -8.26
N SER E 371 21.00 -4.97 -8.77
CA SER E 371 20.30 -3.88 -8.09
C SER E 371 18.84 -4.24 -7.89
N ALA E 372 18.33 -3.96 -6.70
CA ALA E 372 16.94 -4.25 -6.35
C ALA E 372 16.01 -3.08 -6.64
N SER E 373 16.53 -1.97 -7.16
CA SER E 373 15.66 -0.83 -7.46
C SER E 373 14.64 -1.18 -8.52
N PHE E 374 15.05 -1.92 -9.55
CA PHE E 374 14.17 -2.26 -10.66
C PHE E 374 13.05 -3.17 -10.17
N SER E 375 11.83 -2.64 -10.10
CA SER E 375 10.70 -3.45 -9.67
C SER E 375 10.46 -4.62 -10.61
N THR E 376 10.56 -4.37 -11.93
CA THR E 376 10.35 -5.41 -12.93
C THR E 376 11.57 -5.48 -13.83
N PHE E 377 12.09 -6.69 -14.01
CA PHE E 377 13.26 -6.94 -14.84
C PHE E 377 12.98 -8.09 -15.80
N LYS E 378 11.87 -8.01 -16.51
CA LYS E 378 11.42 -9.12 -17.34
C LYS E 378 12.32 -9.27 -18.55
N CYS E 379 12.40 -10.50 -19.07
CA CYS E 379 13.26 -10.78 -20.21
C CYS E 379 12.68 -11.92 -21.02
N TYR E 380 12.65 -11.75 -22.34
CA TYR E 380 12.21 -12.77 -23.27
C TYR E 380 13.33 -13.09 -24.26
N GLY E 381 13.49 -14.37 -24.56
CA GLY E 381 14.49 -14.82 -25.50
C GLY E 381 15.86 -15.04 -24.91
N VAL E 382 16.11 -14.59 -23.68
CA VAL E 382 17.40 -14.79 -23.04
C VAL E 382 17.23 -14.66 -21.54
N SER E 383 17.80 -15.59 -20.78
CA SER E 383 17.75 -15.51 -19.33
C SER E 383 18.68 -14.40 -18.84
N PRO E 384 18.25 -13.59 -17.87
CA PRO E 384 19.10 -12.46 -17.46
C PRO E 384 20.47 -12.89 -16.98
N THR E 385 20.58 -14.03 -16.29
CA THR E 385 21.87 -14.47 -15.79
C THR E 385 22.82 -14.82 -16.93
N LYS E 386 22.28 -15.26 -18.08
CA LYS E 386 23.09 -15.69 -19.21
C LYS E 386 23.58 -14.52 -20.06
N LEU E 387 23.18 -13.28 -19.75
CA LEU E 387 23.53 -12.15 -20.60
C LEU E 387 25.03 -11.95 -20.66
N ASN E 388 25.71 -12.09 -19.52
CA ASN E 388 27.14 -11.75 -19.46
C ASN E 388 27.97 -12.61 -20.40
N ASP E 389 27.47 -13.75 -20.84
CA ASP E 389 28.21 -14.67 -21.70
C ASP E 389 27.90 -14.47 -23.18
N LEU E 390 26.64 -14.50 -23.56
CA LEU E 390 26.27 -14.34 -24.96
C LEU E 390 26.75 -13.00 -25.49
N CYS E 391 27.24 -12.99 -26.72
CA CYS E 391 27.74 -11.79 -27.36
C CYS E 391 26.75 -11.35 -28.44
N PHE E 392 26.20 -10.16 -28.28
CA PHE E 392 25.19 -9.60 -29.17
C PHE E 392 25.85 -8.69 -30.19
N THR E 393 25.03 -7.97 -30.96
CA THR E 393 25.54 -7.03 -31.94
C THR E 393 24.56 -5.88 -32.08
N ASN E 394 25.06 -4.66 -31.91
CA ASN E 394 24.28 -3.45 -32.18
C ASN E 394 22.99 -3.42 -31.36
N VAL E 395 23.17 -3.34 -30.04
CA VAL E 395 22.01 -3.36 -29.16
C VAL E 395 21.30 -2.00 -29.21
N TYR E 396 20.02 -2.01 -28.86
CA TYR E 396 19.23 -0.78 -28.85
C TYR E 396 18.52 -0.64 -27.51
N ALA E 397 18.33 0.61 -27.08
CA ALA E 397 17.67 0.92 -25.83
C ALA E 397 16.59 1.96 -26.08
N ASP E 398 15.36 1.64 -25.67
CA ASP E 398 14.23 2.56 -25.80
C ASP E 398 13.74 2.91 -24.40
N SER E 399 13.75 4.20 -24.09
CA SER E 399 13.41 4.67 -22.75
C SER E 399 12.22 5.62 -22.81
N PHE E 400 11.39 5.58 -21.77
CA PHE E 400 10.25 6.48 -21.67
C PHE E 400 9.64 6.35 -20.29
N VAL E 401 8.55 7.08 -20.07
CA VAL E 401 7.83 7.11 -18.80
C VAL E 401 6.36 6.85 -19.09
N ILE E 402 5.72 6.02 -18.26
CA ILE E 402 4.34 5.62 -18.45
C ILE E 402 3.64 5.60 -17.09
N ARG E 403 2.35 5.30 -17.12
CA ARG E 403 1.58 5.13 -15.90
C ARG E 403 1.88 3.77 -15.27
N GLY E 404 1.88 3.74 -13.94
CA GLY E 404 2.28 2.53 -13.25
C GLY E 404 1.37 1.35 -13.53
N ASP E 405 0.07 1.57 -13.53
CA ASP E 405 -0.87 0.47 -13.67
C ASP E 405 -0.71 -0.23 -15.01
N GLU E 406 -0.51 0.53 -16.09
CA GLU E 406 -0.45 -0.01 -17.44
C GLU E 406 0.96 -0.47 -17.82
N VAL E 407 1.87 -0.62 -16.85
CA VAL E 407 3.21 -1.09 -17.16
C VAL E 407 3.16 -2.47 -17.78
N ARG E 408 2.12 -3.25 -17.47
CA ARG E 408 1.98 -4.57 -18.07
C ARG E 408 1.89 -4.48 -19.59
N GLN E 409 1.37 -3.38 -20.12
CA GLN E 409 1.14 -3.27 -21.55
C GLN E 409 2.43 -3.32 -22.35
N ILE E 410 3.58 -3.13 -21.71
CA ILE E 410 4.87 -3.16 -22.42
C ILE E 410 5.31 -4.63 -22.42
N ALA E 411 4.81 -5.37 -23.40
CA ALA E 411 5.15 -6.78 -23.54
C ALA E 411 4.65 -7.30 -24.88
N PRO E 412 5.34 -8.24 -25.51
CA PRO E 412 4.88 -8.75 -26.81
C PRO E 412 3.52 -9.40 -26.69
N GLY E 413 2.73 -9.26 -27.76
CA GLY E 413 1.41 -9.83 -27.78
C GLY E 413 0.44 -9.20 -26.80
N GLN E 414 0.76 -8.02 -26.28
CA GLN E 414 -0.08 -7.31 -25.34
C GLN E 414 -0.74 -6.14 -26.06
N THR E 415 -2.06 -6.01 -25.91
CA THR E 415 -2.85 -5.02 -26.61
C THR E 415 -3.46 -4.04 -25.61
N GLY E 416 -3.58 -2.79 -26.03
CA GLY E 416 -4.18 -1.77 -25.18
C GLY E 416 -3.86 -0.39 -25.72
N LYS E 417 -4.36 0.61 -25.01
CA LYS E 417 -4.22 1.98 -25.45
C LYS E 417 -2.76 2.33 -25.73
N ILE E 418 -1.90 2.22 -24.72
CA ILE E 418 -0.49 2.53 -24.89
C ILE E 418 0.16 1.50 -25.82
N ALA E 419 -0.19 0.22 -25.66
CA ALA E 419 0.42 -0.81 -26.48
C ALA E 419 0.03 -0.67 -27.96
N ASP E 420 -1.05 0.04 -28.25
CA ASP E 420 -1.53 0.18 -29.62
C ASP E 420 -1.12 1.51 -30.25
N TYR E 421 -1.48 2.63 -29.62
CA TYR E 421 -1.27 3.93 -30.23
C TYR E 421 0.06 4.57 -29.87
N ASN E 422 0.82 3.99 -28.94
CA ASN E 422 2.04 4.63 -28.46
C ASN E 422 3.29 3.77 -28.69
N TYR E 423 3.29 2.52 -28.25
CA TYR E 423 4.49 1.70 -28.30
C TYR E 423 4.08 0.24 -28.45
N LYS E 424 4.46 -0.39 -29.56
CA LYS E 424 4.10 -1.76 -29.85
C LYS E 424 5.36 -2.61 -29.92
N LEU E 425 5.37 -3.72 -29.20
CA LEU E 425 6.50 -4.64 -29.20
C LEU E 425 6.26 -5.79 -30.16
N PRO E 426 7.24 -6.16 -30.98
CA PRO E 426 7.04 -7.27 -31.91
C PRO E 426 6.89 -8.59 -31.17
N ASP E 427 6.15 -9.50 -31.77
CA ASP E 427 5.94 -10.82 -31.16
C ASP E 427 7.25 -11.57 -31.01
N ASP E 428 8.09 -11.53 -32.04
CA ASP E 428 9.40 -12.21 -31.99
C ASP E 428 10.44 -11.27 -31.38
N PHE E 429 10.20 -10.90 -30.13
CA PHE E 429 11.06 -9.98 -29.40
C PHE E 429 12.06 -10.77 -28.58
N THR E 430 13.34 -10.40 -28.68
CA THR E 430 14.43 -11.05 -27.95
C THR E 430 15.18 -9.96 -27.19
N GLY E 431 14.71 -9.67 -25.98
CA GLY E 431 15.33 -8.62 -25.20
C GLY E 431 14.69 -8.53 -23.82
N CYS E 432 15.09 -7.49 -23.10
CA CYS E 432 14.66 -7.30 -21.73
C CYS E 432 13.90 -6.00 -21.58
N VAL E 433 12.99 -5.97 -20.61
CA VAL E 433 12.25 -4.76 -20.25
C VAL E 433 12.45 -4.54 -18.75
N ILE E 434 12.97 -3.37 -18.40
CA ILE E 434 13.24 -2.99 -17.01
C ILE E 434 12.36 -1.80 -16.69
N ALA E 435 11.45 -1.98 -15.74
CA ALA E 435 10.52 -0.94 -15.33
C ALA E 435 10.65 -0.73 -13.84
N TRP E 436 10.77 0.54 -13.43
CA TRP E 436 10.90 0.86 -12.02
C TRP E 436 10.13 2.14 -11.71
N ASN E 437 9.53 2.17 -10.51
CA ASN E 437 8.78 3.34 -10.09
C ASN E 437 9.71 4.54 -9.97
N SER E 438 9.25 5.67 -10.49
CA SER E 438 9.99 6.93 -10.44
C SER E 438 9.12 8.04 -9.88
N ASN E 439 8.32 7.71 -8.86
CA ASN E 439 7.42 8.68 -8.27
C ASN E 439 8.16 9.80 -7.55
N ASN E 440 9.45 9.64 -7.27
CA ASN E 440 10.22 10.63 -6.53
C ASN E 440 10.93 11.63 -7.42
N LEU E 441 10.80 11.51 -8.75
CA LEU E 441 11.47 12.43 -9.66
C LEU E 441 10.52 12.97 -10.72
N ASP E 442 9.51 12.19 -11.08
CA ASP E 442 8.60 12.55 -12.18
C ASP E 442 7.26 13.08 -11.70
N SER E 443 6.91 12.88 -10.43
CA SER E 443 5.65 13.35 -9.88
C SER E 443 5.92 14.54 -8.98
N LYS E 444 5.10 15.58 -9.11
CA LYS E 444 5.35 16.84 -8.42
C LYS E 444 4.02 17.47 -8.03
N VAL E 445 4.07 18.35 -7.02
CA VAL E 445 2.85 18.82 -6.37
C VAL E 445 1.93 19.49 -7.39
N GLY E 446 2.48 20.38 -8.21
CA GLY E 446 1.64 21.06 -9.19
C GLY E 446 0.95 20.10 -10.13
N GLY E 447 1.64 19.01 -10.48
CA GLY E 447 1.12 18.06 -11.44
C GLY E 447 1.94 18.07 -12.72
N ASN E 448 2.83 17.09 -12.86
CA ASN E 448 3.72 17.06 -14.01
C ASN E 448 2.93 16.85 -15.29
N TYR E 449 2.81 17.90 -16.09
CA TYR E 449 2.11 17.84 -17.38
C TYR E 449 3.06 17.76 -18.56
N ASN E 450 4.35 17.55 -18.31
CA ASN E 450 5.33 17.46 -19.39
C ASN E 450 5.32 16.09 -20.07
N TYR E 451 4.58 15.13 -19.54
CA TYR E 451 4.50 13.79 -20.11
C TYR E 451 3.15 13.63 -20.80
N LEU E 452 3.19 13.27 -22.08
CA LEU E 452 1.98 13.13 -22.89
C LEU E 452 1.99 11.77 -23.57
N TYR E 453 0.79 11.28 -23.87
CA TYR E 453 0.63 10.01 -24.57
C TYR E 453 -0.48 10.16 -25.61
N ARG E 454 -0.30 9.52 -26.76
CA ARG E 454 -1.32 9.55 -27.80
C ARG E 454 -2.56 8.83 -27.33
N LEU E 455 -3.73 9.42 -27.62
CA LEU E 455 -5.00 8.87 -27.19
C LEU E 455 -5.88 8.37 -28.32
N PHE E 456 -5.78 8.97 -29.51
CA PHE E 456 -6.56 8.56 -30.67
C PHE E 456 -5.65 8.37 -31.86
N ARG E 457 -5.90 7.29 -32.61
CA ARG E 457 -5.16 7.04 -33.84
C ARG E 457 -6.04 6.20 -34.77
N LYS E 458 -5.88 6.45 -36.08
CA LYS E 458 -6.72 5.76 -37.05
C LYS E 458 -6.48 4.25 -37.01
N SER E 459 -5.21 3.83 -36.94
CA SER E 459 -4.85 2.42 -36.95
C SER E 459 -3.77 2.16 -35.91
N ASN E 460 -3.72 0.92 -35.44
CA ASN E 460 -2.74 0.55 -34.44
C ASN E 460 -1.32 0.64 -35.01
N LEU E 461 -0.39 1.01 -34.14
CA LEU E 461 1.00 1.17 -34.56
C LEU E 461 1.61 -0.17 -34.94
N LYS E 462 2.49 -0.13 -35.95
CA LYS E 462 3.30 -1.29 -36.27
C LYS E 462 4.40 -1.45 -35.23
N PRO E 463 4.99 -2.63 -35.12
CA PRO E 463 6.04 -2.84 -34.11
C PRO E 463 7.21 -1.87 -34.32
N PHE E 464 7.73 -1.37 -33.21
CA PHE E 464 8.90 -0.50 -33.22
C PHE E 464 8.73 0.65 -34.21
N GLU E 465 7.60 1.35 -34.11
CA GLU E 465 7.34 2.51 -34.94
C GLU E 465 6.87 3.66 -34.05
N ARG E 466 7.36 4.86 -34.36
CA ARG E 466 7.05 6.06 -33.58
C ARG E 466 6.20 7.00 -34.42
N ASP E 467 5.09 7.45 -33.86
CA ASP E 467 4.16 8.36 -34.52
C ASP E 467 4.20 9.69 -33.77
N ILE E 468 5.11 10.56 -34.16
CA ILE E 468 5.26 11.84 -33.49
C ILE E 468 4.33 12.91 -34.06
N SER E 469 3.96 12.78 -35.33
CA SER E 469 3.09 13.77 -35.95
C SER E 469 1.75 13.84 -35.23
N THR E 470 1.26 15.06 -35.03
CA THR E 470 -0.03 15.26 -34.35
C THR E 470 -0.58 16.62 -34.75
N GLU E 471 -1.66 16.63 -35.52
CA GLU E 471 -2.33 17.89 -35.88
C GLU E 471 -3.76 17.94 -35.37
N ILE E 472 -4.60 16.96 -35.71
CA ILE E 472 -6.01 16.96 -35.33
C ILE E 472 -6.53 15.54 -35.47
N TYR E 473 -7.55 15.21 -34.68
CA TYR E 473 -8.26 13.95 -34.80
C TYR E 473 -9.69 14.22 -35.24
N GLN E 474 -10.18 13.44 -36.20
CA GLN E 474 -11.50 13.61 -36.77
C GLN E 474 -12.35 12.42 -36.38
N ALA E 475 -13.39 12.66 -35.58
CA ALA E 475 -14.33 11.63 -35.15
C ALA E 475 -15.76 12.17 -35.20
N GLY E 476 -16.09 12.90 -36.26
CA GLY E 476 -17.41 13.49 -36.37
C GLY E 476 -17.96 13.49 -37.79
N SER E 477 -17.32 12.73 -38.68
CA SER E 477 -17.74 12.63 -40.07
C SER E 477 -17.76 13.98 -40.78
N THR E 478 -16.95 14.93 -40.31
CA THR E 478 -16.86 16.25 -40.89
C THR E 478 -15.39 16.61 -41.10
N PRO E 479 -15.09 17.40 -42.14
CA PRO E 479 -13.69 17.79 -42.36
C PRO E 479 -13.21 18.82 -41.35
N CYS E 480 -12.93 18.37 -40.13
CA CYS E 480 -12.48 19.25 -39.05
C CYS E 480 -11.02 19.60 -39.32
N ASN E 481 -10.81 20.68 -40.06
CA ASN E 481 -9.48 21.01 -40.56
C ASN E 481 -8.49 21.30 -39.44
N GLY E 482 -8.70 22.39 -38.71
CA GLY E 482 -7.73 22.81 -37.70
C GLY E 482 -8.33 23.41 -36.45
N VAL E 483 -9.57 23.05 -36.12
CA VAL E 483 -10.27 23.58 -34.97
C VAL E 483 -10.60 22.43 -34.03
N GLU E 484 -10.25 22.57 -32.75
CA GLU E 484 -10.55 21.57 -31.74
C GLU E 484 -11.98 21.76 -31.21
N GLY E 485 -12.93 21.68 -32.13
CA GLY E 485 -14.34 21.81 -31.81
C GLY E 485 -14.96 20.47 -31.47
N PHE E 486 -16.28 20.41 -31.62
CA PHE E 486 -17.00 19.17 -31.35
C PHE E 486 -16.49 18.05 -32.25
N ASN E 487 -16.27 16.88 -31.65
CA ASN E 487 -15.73 15.73 -32.36
C ASN E 487 -14.39 16.06 -33.01
N CYS E 488 -13.59 16.86 -32.30
CA CYS E 488 -12.25 17.25 -32.75
C CYS E 488 -11.37 17.31 -31.52
N TYR E 489 -10.63 16.23 -31.27
CA TYR E 489 -9.83 16.09 -30.06
C TYR E 489 -8.34 16.08 -30.41
N PHE E 490 -7.56 16.72 -29.56
CA PHE E 490 -6.11 16.69 -29.73
C PHE E 490 -5.62 15.26 -29.50
N PRO E 491 -4.81 14.70 -30.41
CA PRO E 491 -4.41 13.29 -30.24
C PRO E 491 -3.67 13.03 -28.94
N LEU E 492 -2.89 13.98 -28.43
CA LEU E 492 -2.06 13.77 -27.26
C LEU E 492 -2.79 14.25 -26.01
N GLN E 493 -2.77 13.41 -24.97
CA GLN E 493 -3.34 13.75 -23.68
C GLN E 493 -2.23 13.70 -22.63
N SER E 494 -2.28 14.65 -21.69
CA SER E 494 -1.24 14.80 -20.69
C SER E 494 -1.55 13.97 -19.46
N TYR E 495 -0.50 13.41 -18.86
CA TYR E 495 -0.66 12.70 -17.60
C TYR E 495 -0.87 13.70 -16.46
N GLY E 496 -1.29 13.17 -15.31
CA GLY E 496 -1.54 13.99 -14.14
C GLY E 496 -0.75 13.55 -12.93
N PHE E 497 0.51 13.18 -13.13
CA PHE E 497 1.32 12.64 -12.05
C PHE E 497 1.39 13.62 -10.88
N GLN E 498 1.14 13.11 -9.69
CA GLN E 498 1.27 13.86 -8.45
C GLN E 498 1.82 12.92 -7.38
N PRO E 499 2.48 13.47 -6.35
CA PRO E 499 3.03 12.59 -5.31
C PRO E 499 1.98 11.75 -4.62
N THR E 500 0.76 12.28 -4.46
CA THR E 500 -0.33 11.57 -3.81
C THR E 500 -1.26 10.89 -4.81
N ASN E 501 -0.86 10.83 -6.08
CA ASN E 501 -1.72 10.29 -7.14
C ASN E 501 -1.74 8.76 -7.04
N GLY E 502 -2.33 8.29 -5.95
CA GLY E 502 -2.46 6.86 -5.71
C GLY E 502 -1.16 6.11 -5.90
N VAL E 503 -1.26 4.81 -6.22
CA VAL E 503 -0.10 3.98 -6.50
C VAL E 503 -0.08 3.50 -7.95
N GLY E 504 -1.24 3.12 -8.48
CA GLY E 504 -1.31 2.71 -9.88
C GLY E 504 -1.17 3.84 -10.86
N TYR E 505 -1.40 5.07 -10.42
CA TYR E 505 -1.26 6.25 -11.27
C TYR E 505 0.09 6.91 -11.16
N GLN E 506 0.99 6.40 -10.32
CA GLN E 506 2.30 6.99 -10.18
C GLN E 506 3.14 6.73 -11.42
N PRO E 507 4.02 7.67 -11.79
CA PRO E 507 4.85 7.46 -12.98
C PRO E 507 5.83 6.32 -12.79
N TYR E 508 6.12 5.63 -13.88
CA TYR E 508 7.08 4.53 -13.90
C TYR E 508 8.01 4.72 -15.09
N ARG E 509 9.31 4.62 -14.84
CA ARG E 509 10.30 4.74 -15.90
C ARG E 509 10.58 3.35 -16.47
N VAL E 510 10.47 3.23 -17.78
CA VAL E 510 10.59 1.95 -18.47
C VAL E 510 11.67 2.08 -19.54
N VAL E 511 12.61 1.14 -19.53
CA VAL E 511 13.65 1.05 -20.54
C VAL E 511 13.69 -0.38 -21.06
N VAL E 512 13.61 -0.54 -22.37
CA VAL E 512 13.63 -1.85 -23.01
C VAL E 512 14.90 -1.97 -23.84
N LEU E 513 15.68 -3.00 -23.58
CA LEU E 513 16.86 -3.33 -24.36
C LEU E 513 16.50 -4.39 -25.37
N SER E 514 16.69 -4.09 -26.64
CA SER E 514 16.42 -5.00 -27.74
C SER E 514 17.74 -5.45 -28.36
N PHE E 515 17.91 -6.75 -28.51
CA PHE E 515 19.12 -7.36 -29.03
C PHE E 515 18.89 -7.82 -30.46
N GLU E 516 19.91 -8.48 -31.02
CA GLU E 516 19.78 -9.12 -32.31
C GLU E 516 21.00 -10.00 -32.52
N LEU E 517 20.81 -11.06 -33.32
CA LEU E 517 21.89 -12.02 -33.64
C LEU E 517 21.86 -12.24 -35.15
N LEU E 518 22.61 -11.41 -35.87
CA LEU E 518 22.58 -11.39 -37.32
C LEU E 518 23.78 -12.13 -37.91
N HIS E 519 23.76 -12.27 -39.23
CA HIS E 519 24.84 -12.90 -39.98
C HIS E 519 25.97 -11.88 -40.21
N ALA E 520 26.48 -11.35 -39.10
CA ALA E 520 27.50 -10.31 -39.14
C ALA E 520 28.29 -10.38 -37.84
N PRO E 521 29.49 -9.79 -37.81
CA PRO E 521 30.32 -9.87 -36.60
C PRO E 521 29.70 -9.10 -35.44
N ALA E 522 30.04 -9.54 -34.23
CA ALA E 522 29.57 -8.88 -33.03
C ALA E 522 30.36 -7.60 -32.78
N THR E 523 29.77 -6.71 -31.97
CA THR E 523 30.40 -5.44 -31.66
C THR E 523 30.31 -5.03 -30.20
N VAL E 524 29.46 -5.65 -29.38
CA VAL E 524 29.31 -5.26 -27.98
C VAL E 524 28.83 -6.47 -27.19
N CYS E 525 29.50 -6.77 -26.08
CA CYS E 525 29.07 -7.84 -25.20
C CYS E 525 29.95 -7.85 -23.95
N GLY E 526 29.65 -8.76 -23.05
CA GLY E 526 30.26 -8.81 -21.74
C GLY E 526 31.73 -9.18 -21.80
N PRO E 527 32.43 -9.02 -20.68
CA PRO E 527 33.87 -9.22 -20.66
C PRO E 527 34.27 -10.66 -20.41
N LYS E 528 35.49 -10.98 -20.84
CA LYS E 528 36.06 -12.31 -20.62
C LYS E 528 37.59 -12.22 -20.62
#